data_3KRY
#
_entry.id   3KRY
#
_cell.length_a   36.317
_cell.length_b   70.016
_cell.length_c   69.094
_cell.angle_alpha   92.42
_cell.angle_beta   94.23
_cell.angle_gamma   104.94
#
_symmetry.space_group_name_H-M   'P 1'
#
loop_
_entity.id
_entity.type
_entity.pdbx_description
1 polymer 'Collagenase 3'
2 non-polymer 'ZINC ION'
3 non-polymer 'CALCIUM ION'
4 non-polymer 1-(2-methoxyethyl)-N-oxo-4-({4-[4-(trifluoromethoxy)phenoxy]phenyl}sulfonyl)piperidine-4-carboxamide
5 water water
#
_entity_poly.entity_id   1
_entity_poly.type   'polypeptide(L)'
_entity_poly.pdbx_seq_one_letter_code
;YNVFPRTLKWSKMNLTYRIVNYTPDMTHSEVEKAFKKAFKVWSDVTPLNFTRLHDGIADIMISFGIKEHGDFYPFDGPSG
LLAHAFPPGPNYGGDAHFDDDETWTSSSKGYNLFLVAAHEFGHSLGLDHSKDPGALMFPIYTYTGKSHFMLPDDDVQGIQ
SLYG
;
_entity_poly.pdbx_strand_id   A,B,C,D
#
# COMPACT_ATOMS: atom_id res chain seq x y z
N TYR A 1 -20.26 19.70 5.61
CA TYR A 1 -20.41 21.06 5.02
C TYR A 1 -21.24 21.03 3.73
N ASN A 2 -20.61 20.63 2.63
CA ASN A 2 -21.27 20.66 1.32
C ASN A 2 -20.90 19.47 0.42
N VAL A 3 -21.82 19.16 -0.49
CA VAL A 3 -21.79 17.92 -1.26
C VAL A 3 -21.05 18.05 -2.59
N PHE A 4 -20.54 16.93 -3.08
CA PHE A 4 -20.04 16.83 -4.47
C PHE A 4 -21.24 16.74 -5.40
N PRO A 5 -21.11 17.25 -6.64
CA PRO A 5 -22.20 16.99 -7.59
C PRO A 5 -22.34 15.49 -7.91
N ARG A 6 -23.51 15.12 -8.40
CA ARG A 6 -23.85 13.71 -8.67
C ARG A 6 -23.10 13.13 -9.89
N THR A 7 -22.41 14.00 -10.64
CA THR A 7 -21.61 13.61 -11.79
C THR A 7 -20.23 14.25 -11.76
N LEU A 8 -19.30 13.74 -12.56
CA LEU A 8 -18.02 14.41 -12.75
C LEU A 8 -18.27 15.57 -13.71
N LYS A 9 -18.30 16.78 -13.17
CA LYS A 9 -18.58 17.98 -13.93
C LYS A 9 -17.86 19.15 -13.26
N TRP A 10 -17.67 20.23 -14.02
CA TRP A 10 -17.08 21.42 -13.46
C TRP A 10 -18.17 22.13 -12.67
N SER A 11 -17.79 22.74 -11.55
N SER A 11 -17.80 22.76 -11.56
CA SER A 11 -18.70 23.52 -10.72
CA SER A 11 -18.76 23.52 -10.78
C SER A 11 -18.68 25.00 -11.11
C SER A 11 -18.64 25.02 -11.04
N LYS A 12 -17.69 25.39 -11.90
CA LYS A 12 -17.55 26.76 -12.39
C LYS A 12 -17.82 26.78 -13.89
N MET A 13 -18.38 27.89 -14.37
CA MET A 13 -18.78 28.02 -15.78
C MET A 13 -17.69 28.61 -16.67
N ASN A 14 -16.72 29.29 -16.06
CA ASN A 14 -15.60 29.86 -16.78
C ASN A 14 -14.39 28.96 -16.60
N LEU A 15 -13.89 28.46 -17.72
CA LEU A 15 -12.80 27.47 -17.71
C LEU A 15 -11.68 28.02 -18.54
N THR A 16 -10.47 27.56 -18.27
CA THR A 16 -9.30 28.00 -19.00
C THR A 16 -8.63 26.80 -19.66
N TYR A 17 -8.04 27.01 -20.84
CA TYR A 17 -7.21 25.99 -21.46
C TYR A 17 -5.82 26.53 -21.83
N ARG A 18 -4.86 25.63 -21.96
CA ARG A 18 -3.51 25.99 -22.41
C ARG A 18 -3.02 24.96 -23.40
N ILE A 19 -2.53 25.45 -24.53
CA ILE A 19 -1.92 24.63 -25.55
C ILE A 19 -0.44 24.56 -25.18
N VAL A 20 -0.04 23.45 -24.58
CA VAL A 20 1.31 23.28 -24.04
C VAL A 20 2.38 23.17 -25.11
N ASN A 21 2.04 22.50 -26.20
CA ASN A 21 2.96 22.32 -27.32
C ASN A 21 2.17 22.02 -28.59
N TYR A 22 2.85 21.93 -29.73
CA TYR A 22 2.18 21.93 -31.04
C TYR A 22 2.64 20.81 -31.96
N THR A 23 1.69 20.25 -32.69
CA THR A 23 2.00 19.23 -33.69
C THR A 23 2.83 19.82 -34.84
N PRO A 24 3.71 19.00 -35.45
CA PRO A 24 4.45 19.43 -36.64
C PRO A 24 3.57 19.68 -37.85
N ASP A 25 2.38 19.04 -37.86
CA ASP A 25 1.61 18.88 -39.09
C ASP A 25 0.86 20.12 -39.55
N MET A 26 0.60 21.03 -38.61
CA MET A 26 -0.20 22.22 -38.87
C MET A 26 0.53 23.43 -38.30
N THR A 27 0.20 24.61 -38.80
CA THR A 27 0.74 25.87 -38.25
C THR A 27 0.13 26.12 -36.87
N HIS A 28 0.77 26.97 -36.09
CA HIS A 28 0.26 27.35 -34.78
C HIS A 28 -1.16 27.90 -34.91
N SER A 29 -1.38 28.69 -35.97
CA SER A 29 -2.67 29.31 -36.23
C SER A 29 -3.75 28.26 -36.48
N GLU A 30 -3.42 27.28 -37.32
CA GLU A 30 -4.35 26.20 -37.64
C GLU A 30 -4.79 25.42 -36.41
N VAL A 31 -3.84 25.11 -35.53
CA VAL A 31 -4.13 24.37 -34.30
C VAL A 31 -5.00 25.22 -33.36
N GLU A 32 -4.60 26.47 -33.17
CA GLU A 32 -5.33 27.37 -32.30
C GLU A 32 -6.77 27.54 -32.77
N LYS A 33 -6.96 27.63 -34.07
CA LYS A 33 -8.30 27.82 -34.65
C LYS A 33 -9.14 26.56 -34.53
N ALA A 34 -8.50 25.40 -34.71
CA ALA A 34 -9.19 24.12 -34.53
C ALA A 34 -9.67 23.96 -33.09
N PHE A 35 -8.80 24.27 -32.13
CA PHE A 35 -9.17 24.14 -30.71
C PHE A 35 -10.24 25.18 -30.33
N LYS A 36 -10.10 26.40 -30.83
CA LYS A 36 -11.11 27.45 -30.57
C LYS A 36 -12.48 27.01 -31.07
N LYS A 37 -12.52 26.41 -32.27
CA LYS A 37 -13.77 25.95 -32.85
C LYS A 37 -14.34 24.77 -32.07
N ALA A 38 -13.45 23.90 -31.58
CA ALA A 38 -13.86 22.72 -30.81
C ALA A 38 -14.52 23.09 -29.48
N PHE A 39 -13.94 24.05 -28.77
CA PHE A 39 -14.55 24.56 -27.54
C PHE A 39 -15.88 25.28 -27.82
N LYS A 40 -15.96 25.95 -28.96
CA LYS A 40 -17.18 26.66 -29.38
C LYS A 40 -18.38 25.71 -29.58
N VAL A 41 -18.12 24.46 -30.01
CA VAL A 41 -19.17 23.43 -30.14
C VAL A 41 -20.02 23.30 -28.85
N TRP A 42 -19.32 23.37 -27.72
CA TRP A 42 -19.89 23.11 -26.41
C TRP A 42 -20.36 24.39 -25.73
N SER A 43 -19.64 25.48 -25.95
CA SER A 43 -20.04 26.77 -25.40
C SER A 43 -21.28 27.33 -26.09
N ASP A 44 -21.52 26.94 -27.35
CA ASP A 44 -22.72 27.39 -28.07
C ASP A 44 -24.04 26.78 -27.56
N VAL A 45 -23.96 25.69 -26.80
CA VAL A 45 -25.18 25.01 -26.31
C VAL A 45 -25.18 24.83 -24.78
N THR A 46 -24.27 25.52 -24.08
CA THR A 46 -24.24 25.51 -22.61
C THR A 46 -23.86 26.91 -22.10
N PRO A 47 -23.92 27.12 -20.78
CA PRO A 47 -23.37 28.35 -20.18
C PRO A 47 -21.84 28.39 -20.04
N LEU A 48 -21.13 27.36 -20.51
CA LEU A 48 -19.67 27.27 -20.36
C LEU A 48 -18.95 28.28 -21.25
N ASN A 49 -17.85 28.83 -20.75
CA ASN A 49 -16.99 29.73 -21.51
C ASN A 49 -15.53 29.38 -21.31
N PHE A 50 -14.76 29.64 -22.36
CA PHE A 50 -13.37 29.20 -22.41
C PHE A 50 -12.42 30.34 -22.76
N THR A 51 -11.39 30.48 -21.93
CA THR A 51 -10.34 31.46 -22.14
C THR A 51 -9.03 30.70 -22.29
N ARG A 52 -8.23 31.11 -23.25
CA ARG A 52 -6.92 30.52 -23.44
C ARG A 52 -5.90 31.18 -22.51
N LEU A 53 -5.00 30.37 -21.96
CA LEU A 53 -3.85 30.83 -21.21
C LEU A 53 -2.61 30.41 -21.98
N HIS A 54 -1.62 31.28 -22.03
CA HIS A 54 -0.39 31.00 -22.77
C HIS A 54 0.67 30.30 -21.95
N ASP A 55 0.53 30.37 -20.63
CA ASP A 55 1.46 29.70 -19.73
C ASP A 55 0.79 29.37 -18.39
N GLY A 56 1.52 28.67 -17.54
CA GLY A 56 1.04 28.30 -16.20
C GLY A 56 0.01 27.19 -16.25
N ILE A 57 -0.86 27.12 -15.23
CA ILE A 57 -1.84 26.05 -15.08
C ILE A 57 -3.24 26.46 -15.56
N ALA A 58 -3.72 25.78 -16.60
CA ALA A 58 -5.09 25.96 -17.06
C ALA A 58 -5.86 24.79 -16.51
N ASP A 59 -7.19 24.91 -16.50
CA ASP A 59 -8.08 23.80 -16.15
C ASP A 59 -7.83 22.62 -17.10
N ILE A 60 -7.84 22.94 -18.38
CA ILE A 60 -7.72 21.96 -19.46
C ILE A 60 -6.36 22.18 -20.13
N MET A 61 -5.37 21.36 -19.76
CA MET A 61 -4.05 21.42 -20.36
C MET A 61 -4.01 20.51 -21.59
N ILE A 62 -3.62 21.07 -22.74
CA ILE A 62 -3.66 20.37 -24.02
C ILE A 62 -2.23 20.15 -24.53
N SER A 63 -1.90 18.91 -24.90
CA SER A 63 -0.55 18.58 -25.34
C SER A 63 -0.54 17.52 -26.41
N PHE A 64 0.53 17.50 -27.20
CA PHE A 64 0.75 16.48 -28.21
C PHE A 64 1.91 15.66 -27.74
N GLY A 65 1.77 14.34 -27.79
CA GLY A 65 2.86 13.48 -27.34
C GLY A 65 2.80 12.15 -28.02
N ILE A 66 3.82 11.33 -27.83
CA ILE A 66 3.85 9.99 -28.41
C ILE A 66 4.29 8.99 -27.36
N LYS A 67 3.96 7.73 -27.59
CA LYS A 67 4.32 6.64 -26.72
C LYS A 67 4.09 7.04 -25.24
N GLU A 68 5.05 6.80 -24.37
CA GLU A 68 4.94 7.23 -22.97
C GLU A 68 5.07 8.74 -22.90
N HIS A 69 4.06 9.39 -22.32
CA HIS A 69 4.07 10.84 -22.24
C HIS A 69 3.65 11.38 -20.87
N GLY A 70 3.71 10.53 -19.84
CA GLY A 70 3.50 10.99 -18.45
C GLY A 70 2.17 10.62 -17.82
N ASP A 71 1.60 9.49 -18.23
CA ASP A 71 0.39 8.97 -17.60
C ASP A 71 0.28 7.46 -17.86
N PHE A 72 -0.84 6.85 -17.48
CA PHE A 72 -1.04 5.42 -17.66
C PHE A 72 -1.73 5.08 -18.97
N TYR A 73 -1.74 6.01 -19.91
CA TYR A 73 -2.37 5.79 -21.21
C TYR A 73 -1.39 6.07 -22.33
N PRO A 74 -0.29 5.29 -22.40
CA PRO A 74 0.70 5.55 -23.43
C PRO A 74 0.08 5.43 -24.82
N PHE A 75 0.58 6.22 -25.76
CA PHE A 75 0.16 6.14 -27.15
C PHE A 75 0.84 4.97 -27.86
N ASP A 76 0.34 4.65 -29.04
CA ASP A 76 0.65 3.38 -29.72
C ASP A 76 1.21 3.58 -31.13
N GLY A 77 1.75 4.77 -31.38
CA GLY A 77 2.23 5.12 -32.70
C GLY A 77 1.08 5.39 -33.67
N PRO A 78 1.37 5.36 -34.98
CA PRO A 78 0.36 5.72 -35.97
C PRO A 78 -0.82 4.75 -36.01
N SER A 79 -2.01 5.30 -36.25
CA SER A 79 -3.28 4.55 -36.19
C SER A 79 -3.70 4.22 -34.75
N GLY A 80 -4.70 3.36 -34.59
CA GLY A 80 -5.16 2.93 -33.28
C GLY A 80 -5.63 4.12 -32.48
N LEU A 81 -5.12 4.26 -31.26
CA LEU A 81 -5.50 5.40 -30.40
C LEU A 81 -5.15 6.71 -31.06
N LEU A 82 -6.09 7.65 -31.10
CA LEU A 82 -5.84 8.99 -31.64
C LEU A 82 -5.57 10.03 -30.55
N ALA A 83 -6.25 9.91 -29.42
CA ALA A 83 -6.23 10.92 -28.38
C ALA A 83 -7.00 10.42 -27.16
N HIS A 84 -6.78 11.07 -26.03
CA HIS A 84 -7.58 10.84 -24.84
C HIS A 84 -7.63 12.10 -23.96
N ALA A 85 -8.64 12.14 -23.10
CA ALA A 85 -8.94 13.26 -22.22
C ALA A 85 -9.55 12.75 -20.92
N PHE A 86 -9.28 13.48 -19.84
CA PHE A 86 -9.64 13.06 -18.49
C PHE A 86 -10.89 13.78 -18.07
N PRO A 87 -11.76 13.11 -17.29
CA PRO A 87 -12.99 13.75 -16.83
C PRO A 87 -12.69 14.98 -15.97
N PRO A 88 -13.67 15.90 -15.81
CA PRO A 88 -13.47 17.07 -14.96
C PRO A 88 -12.95 16.70 -13.58
N GLY A 89 -12.03 17.51 -13.07
CA GLY A 89 -11.42 17.26 -11.78
C GLY A 89 -10.12 18.04 -11.66
N PRO A 90 -9.46 17.95 -10.50
CA PRO A 90 -8.19 18.64 -10.33
C PRO A 90 -7.04 17.91 -11.03
N ASN A 91 -5.89 18.58 -11.14
CA ASN A 91 -4.67 17.97 -11.67
C ASN A 91 -4.83 17.59 -13.15
N TYR A 92 -4.64 16.32 -13.49
CA TYR A 92 -4.83 15.83 -14.86
C TYR A 92 -6.28 16.01 -15.32
N GLY A 93 -7.21 16.17 -14.39
CA GLY A 93 -8.63 16.35 -14.73
C GLY A 93 -8.90 17.41 -15.79
N GLY A 94 -9.61 17.03 -16.85
CA GLY A 94 -9.87 17.92 -17.98
C GLY A 94 -8.78 17.95 -19.06
N ASP A 95 -7.56 17.50 -18.74
CA ASP A 95 -6.47 17.56 -19.72
C ASP A 95 -6.78 16.69 -20.93
N ALA A 96 -6.26 17.10 -22.09
CA ALA A 96 -6.48 16.41 -23.36
C ALA A 96 -5.13 16.16 -24.06
N HIS A 97 -4.87 14.90 -24.39
CA HIS A 97 -3.63 14.48 -25.06
C HIS A 97 -3.93 13.95 -26.45
N PHE A 98 -3.07 14.31 -27.40
CA PHE A 98 -3.23 13.95 -28.81
C PHE A 98 -1.98 13.22 -29.26
N ASP A 99 -2.17 12.10 -29.95
CA ASP A 99 -1.07 11.27 -30.40
C ASP A 99 -0.37 11.93 -31.59
N ASP A 100 0.88 12.34 -31.39
CA ASP A 100 1.57 13.05 -32.43
C ASP A 100 2.27 12.11 -33.41
N ASP A 101 2.00 10.82 -33.32
CA ASP A 101 2.32 9.88 -34.39
C ASP A 101 1.16 9.79 -35.41
N GLU A 102 0.06 10.49 -35.16
CA GLU A 102 -1.00 10.66 -36.17
C GLU A 102 -0.69 11.86 -37.03
N THR A 103 -1.24 11.86 -38.24
CA THR A 103 -1.19 13.03 -39.11
C THR A 103 -2.42 13.91 -38.89
N TRP A 104 -2.20 15.07 -38.27
CA TRP A 104 -3.27 16.03 -37.97
C TRP A 104 -3.43 17.04 -39.11
N THR A 105 -4.67 17.36 -39.47
CA THR A 105 -4.96 18.29 -40.57
C THR A 105 -6.12 19.22 -40.26
N SER A 106 -6.24 20.27 -41.07
CA SER A 106 -7.45 21.11 -41.08
C SER A 106 -8.39 20.70 -42.23
N SER A 107 -8.15 19.53 -42.84
CA SER A 107 -8.86 19.14 -44.06
C SER A 107 -9.54 17.77 -43.87
N SER A 108 -9.77 17.05 -44.97
CA SER A 108 -10.30 15.69 -44.93
C SER A 108 -9.21 14.63 -44.92
N LYS A 109 -7.95 15.06 -45.03
CA LYS A 109 -6.82 14.15 -45.07
C LYS A 109 -6.41 13.84 -43.64
N GLY A 110 -5.75 12.70 -43.43
CA GLY A 110 -5.33 12.28 -42.10
C GLY A 110 -6.49 12.31 -41.12
N TYR A 111 -6.22 12.79 -39.91
CA TYR A 111 -7.29 13.01 -38.93
C TYR A 111 -7.51 14.50 -38.72
N ASN A 112 -8.76 14.91 -38.84
CA ASN A 112 -9.14 16.30 -38.66
C ASN A 112 -9.04 16.67 -37.17
N LEU A 113 -8.10 17.56 -36.83
CA LEU A 113 -7.87 17.95 -35.42
C LEU A 113 -9.11 18.52 -34.73
N PHE A 114 -9.84 19.37 -35.42
CA PHE A 114 -11.11 19.91 -34.89
C PHE A 114 -12.07 18.83 -34.38
N LEU A 115 -12.38 17.83 -35.22
CA LEU A 115 -13.38 16.85 -34.86
C LEU A 115 -12.93 16.03 -33.67
N VAL A 116 -11.65 15.66 -33.66
CA VAL A 116 -11.12 14.84 -32.58
C VAL A 116 -11.07 15.67 -31.31
N ALA A 117 -10.62 16.91 -31.41
CA ALA A 117 -10.56 17.79 -30.26
C ALA A 117 -11.97 18.04 -29.69
N ALA A 118 -12.95 18.26 -30.57
CA ALA A 118 -14.33 18.49 -30.12
C ALA A 118 -14.82 17.31 -29.28
N HIS A 119 -14.61 16.11 -29.81
CA HIS A 119 -14.83 14.86 -29.10
C HIS A 119 -14.11 14.83 -27.76
N GLU A 120 -12.80 14.99 -27.78
CA GLU A 120 -12.00 14.94 -26.55
C GLU A 120 -12.45 15.98 -25.50
N PHE A 121 -12.81 17.18 -25.94
CA PHE A 121 -13.27 18.22 -25.01
C PHE A 121 -14.64 17.87 -24.42
N GLY A 122 -15.45 17.10 -25.15
CA GLY A 122 -16.61 16.45 -24.57
C GLY A 122 -16.22 15.71 -23.29
N HIS A 123 -15.16 14.89 -23.38
CA HIS A 123 -14.59 14.18 -22.23
C HIS A 123 -14.13 15.14 -21.14
N SER A 124 -13.37 16.17 -21.53
CA SER A 124 -12.87 17.19 -20.60
C SER A 124 -14.01 17.82 -19.80
N LEU A 125 -15.23 17.82 -20.35
CA LEU A 125 -16.39 18.46 -19.70
C LEU A 125 -17.31 17.49 -18.98
N GLY A 126 -17.08 16.18 -19.18
CA GLY A 126 -17.80 15.16 -18.41
C GLY A 126 -18.63 14.17 -19.20
N LEU A 127 -18.54 14.19 -20.52
CA LEU A 127 -19.28 13.23 -21.34
C LEU A 127 -18.39 12.03 -21.59
N ASP A 128 -18.96 10.85 -21.42
CA ASP A 128 -18.30 9.60 -21.76
C ASP A 128 -18.78 9.23 -23.16
N HIS A 129 -18.41 8.04 -23.63
CA HIS A 129 -18.80 7.59 -24.94
C HIS A 129 -20.31 7.37 -25.10
N SER A 130 -20.83 7.85 -26.22
CA SER A 130 -22.20 7.55 -26.64
C SER A 130 -22.20 6.22 -27.40
N LYS A 131 -23.35 5.56 -27.38
CA LYS A 131 -23.57 4.33 -28.14
C LYS A 131 -24.19 4.64 -29.51
N ASP A 132 -24.67 5.87 -29.68
CA ASP A 132 -25.31 6.33 -30.91
C ASP A 132 -24.25 6.63 -31.98
N PRO A 133 -24.25 5.87 -33.10
CA PRO A 133 -23.20 6.04 -34.11
C PRO A 133 -23.19 7.41 -34.82
N GLY A 134 -24.28 8.17 -34.71
CA GLY A 134 -24.34 9.54 -35.24
C GLY A 134 -23.75 10.60 -34.32
N ALA A 135 -23.40 10.20 -33.10
CA ALA A 135 -22.96 11.15 -32.07
C ALA A 135 -21.49 11.51 -32.24
N LEU A 136 -21.17 12.77 -31.92
CA LEU A 136 -19.77 13.20 -31.83
C LEU A 136 -18.99 12.39 -30.80
N MET A 137 -19.65 11.99 -29.71
CA MET A 137 -19.01 11.20 -28.65
C MET A 137 -18.99 9.69 -28.91
N PHE A 138 -19.38 9.29 -30.12
CA PHE A 138 -19.20 7.90 -30.57
C PHE A 138 -17.70 7.69 -30.73
N PRO A 139 -17.14 6.61 -30.16
CA PRO A 139 -15.68 6.45 -30.17
C PRO A 139 -15.12 5.88 -31.47
N ILE A 140 -15.59 6.37 -32.61
CA ILE A 140 -15.05 5.98 -33.92
C ILE A 140 -14.91 7.25 -34.75
N TYR A 141 -13.76 7.45 -35.36
CA TYR A 141 -13.54 8.64 -36.18
C TYR A 141 -14.25 8.51 -37.52
N THR A 142 -15.02 9.52 -37.87
CA THR A 142 -15.44 9.72 -39.25
C THR A 142 -15.28 11.20 -39.59
N TYR A 143 -14.96 11.49 -40.85
CA TYR A 143 -14.88 12.87 -41.32
C TYR A 143 -16.25 13.27 -41.83
N THR A 144 -16.64 14.50 -41.51
CA THR A 144 -17.99 15.01 -41.78
C THR A 144 -18.27 15.26 -43.28
N GLY A 145 -19.43 15.84 -43.59
CA GLY A 145 -19.82 16.12 -44.97
C GLY A 145 -20.30 17.55 -45.19
N LYS A 146 -21.31 17.96 -44.43
CA LYS A 146 -21.80 19.34 -44.48
C LYS A 146 -20.75 20.28 -43.91
N SER A 147 -20.68 21.49 -44.47
CA SER A 147 -19.62 22.44 -44.14
C SER A 147 -19.77 23.10 -42.77
N HIS A 148 -21.01 23.35 -42.35
CA HIS A 148 -21.27 23.94 -41.03
C HIS A 148 -21.50 22.82 -40.01
N PHE A 149 -20.44 22.39 -39.33
CA PHE A 149 -20.56 21.31 -38.34
C PHE A 149 -21.73 21.58 -37.39
N MET A 150 -22.66 20.62 -37.32
CA MET A 150 -23.82 20.70 -36.42
C MET A 150 -23.71 19.62 -35.36
N LEU A 151 -23.52 20.02 -34.10
CA LEU A 151 -23.40 19.06 -33.00
C LEU A 151 -24.66 18.16 -32.97
N PRO A 152 -24.47 16.83 -33.08
CA PRO A 152 -25.64 15.95 -33.10
C PRO A 152 -26.50 16.08 -31.82
N ASP A 153 -27.77 15.66 -31.93
CA ASP A 153 -28.73 15.78 -30.84
C ASP A 153 -28.33 15.06 -29.56
N ASP A 154 -27.87 13.81 -29.70
CA ASP A 154 -27.42 13.02 -28.54
C ASP A 154 -26.37 13.73 -27.70
N ASP A 155 -25.45 14.42 -28.37
CA ASP A 155 -24.38 15.18 -27.71
C ASP A 155 -24.93 16.45 -27.08
N VAL A 156 -25.89 17.08 -27.75
CA VAL A 156 -26.55 18.25 -27.21
C VAL A 156 -27.26 17.85 -25.90
N GLN A 157 -28.09 16.80 -25.95
CA GLN A 157 -28.83 16.33 -24.75
C GLN A 157 -27.86 15.99 -23.63
N GLY A 158 -26.79 15.26 -23.98
CA GLY A 158 -25.77 14.85 -23.02
C GLY A 158 -25.13 16.00 -22.27
N ILE A 159 -24.59 16.98 -23.01
CA ILE A 159 -23.90 18.11 -22.39
C ILE A 159 -24.87 18.95 -21.58
N GLN A 160 -26.09 19.12 -22.07
CA GLN A 160 -27.11 19.89 -21.35
C GLN A 160 -27.57 19.19 -20.07
N SER A 161 -27.47 17.87 -20.06
CA SER A 161 -27.82 17.08 -18.87
C SER A 161 -26.83 17.35 -17.73
N LEU A 162 -25.68 17.92 -18.06
CA LEU A 162 -24.70 18.34 -17.06
C LEU A 162 -24.75 19.84 -16.73
N TYR A 163 -24.91 20.72 -17.73
CA TYR A 163 -24.70 22.18 -17.52
C TYR A 163 -25.87 23.09 -17.87
N GLY A 164 -26.99 22.53 -18.34
CA GLY A 164 -28.07 23.32 -18.92
C GLY A 164 -27.67 23.79 -20.31
N TYR B 1 37.49 18.49 -20.84
CA TYR B 1 36.40 17.68 -21.46
C TYR B 1 36.17 16.38 -20.71
N ASN B 2 34.90 15.98 -20.62
CA ASN B 2 34.55 14.69 -20.07
C ASN B 2 33.55 13.97 -20.99
N VAL B 3 33.84 12.70 -21.27
CA VAL B 3 32.91 11.84 -21.97
C VAL B 3 32.16 11.01 -20.91
N PHE B 4 30.92 10.63 -21.19
CA PHE B 4 30.13 9.82 -20.27
C PHE B 4 30.90 8.52 -19.99
N PRO B 5 30.92 8.07 -18.72
CA PRO B 5 31.70 6.87 -18.40
C PRO B 5 31.10 5.59 -19.02
N ARG B 6 31.98 4.71 -19.49
CA ARG B 6 31.60 3.57 -20.31
C ARG B 6 30.75 2.55 -19.54
N THR B 7 31.33 1.94 -18.50
CA THR B 7 30.60 1.00 -17.66
C THR B 7 29.88 1.82 -16.58
N LEU B 8 28.65 1.42 -16.27
CA LEU B 8 27.84 2.12 -15.29
C LEU B 8 28.30 1.78 -13.87
N LYS B 9 29.05 2.70 -13.27
CA LYS B 9 29.53 2.54 -11.90
C LYS B 9 29.55 3.91 -11.23
N TRP B 10 29.75 3.92 -9.92
CA TRP B 10 29.90 5.17 -9.18
C TRP B 10 31.34 5.63 -9.34
N SER B 11 31.55 6.93 -9.53
CA SER B 11 32.91 7.48 -9.62
C SER B 11 33.32 8.11 -8.29
N LYS B 12 32.66 7.71 -7.22
CA LYS B 12 33.06 8.02 -5.86
C LYS B 12 32.95 6.74 -5.05
N MET B 13 33.82 6.59 -4.04
CA MET B 13 33.85 5.37 -3.22
C MET B 13 32.91 5.45 -2.04
N ASN B 14 32.56 6.68 -1.66
CA ASN B 14 31.71 6.93 -0.51
C ASN B 14 30.30 7.21 -1.00
N LEU B 15 29.36 6.38 -0.57
CA LEU B 15 27.97 6.42 -1.03
C LEU B 15 27.04 6.49 0.16
N THR B 16 25.89 7.16 -0.04
CA THR B 16 24.88 7.25 0.99
C THR B 16 23.63 6.45 0.59
N TYR B 17 22.92 5.93 1.60
CA TYR B 17 21.61 5.33 1.38
C TYR B 17 20.56 5.87 2.36
N ARG B 18 19.29 5.83 1.94
CA ARG B 18 18.17 6.21 2.79
C ARG B 18 17.10 5.15 2.72
N ILE B 19 16.69 4.65 3.89
CA ILE B 19 15.55 3.78 3.99
C ILE B 19 14.33 4.69 4.08
N VAL B 20 13.64 4.87 2.96
CA VAL B 20 12.50 5.82 2.85
C VAL B 20 11.26 5.40 3.64
N ASN B 21 11.01 4.10 3.68
CA ASN B 21 9.89 3.55 4.45
C ASN B 21 10.13 2.07 4.74
N TYR B 22 9.22 1.45 5.46
CA TYR B 22 9.48 0.18 6.14
C TYR B 22 8.36 -0.83 5.97
N THR B 23 8.77 -2.08 5.72
CA THR B 23 7.84 -3.17 5.56
C THR B 23 7.11 -3.45 6.88
N PRO B 24 5.85 -3.93 6.78
CA PRO B 24 5.13 -4.33 7.98
C PRO B 24 5.74 -5.52 8.70
N ASP B 25 6.45 -6.37 7.95
CA ASP B 25 6.79 -7.71 8.40
C ASP B 25 7.91 -7.76 9.45
N MET B 26 8.74 -6.72 9.50
CA MET B 26 9.90 -6.70 10.38
C MET B 26 9.91 -5.39 11.16
N THR B 27 10.63 -5.37 12.28
CA THR B 27 10.82 -4.14 13.03
C THR B 27 11.80 -3.24 12.28
N HIS B 28 11.78 -1.97 12.62
CA HIS B 28 12.71 -0.98 12.05
C HIS B 28 14.15 -1.47 12.21
N SER B 29 14.48 -1.91 13.41
CA SER B 29 15.82 -2.41 13.73
C SER B 29 16.19 -3.61 12.86
N GLU B 30 15.26 -4.53 12.66
CA GLU B 30 15.51 -5.72 11.83
C GLU B 30 15.86 -5.35 10.39
N VAL B 31 15.10 -4.43 9.82
CA VAL B 31 15.33 -3.95 8.46
C VAL B 31 16.70 -3.24 8.35
N GLU B 32 16.99 -2.37 9.31
CA GLU B 32 18.21 -1.62 9.33
C GLU B 32 19.43 -2.53 9.41
N LYS B 33 19.32 -3.60 10.18
CA LYS B 33 20.42 -4.56 10.35
C LYS B 33 20.59 -5.38 9.08
N ALA B 34 19.47 -5.77 8.48
CA ALA B 34 19.49 -6.52 7.22
C ALA B 34 20.18 -5.73 6.11
N PHE B 35 19.81 -4.46 5.99
CA PHE B 35 20.41 -3.58 4.98
C PHE B 35 21.89 -3.29 5.26
N LYS B 36 22.23 -3.03 6.52
CA LYS B 36 23.61 -2.77 6.93
C LYS B 36 24.51 -3.97 6.59
N LYS B 37 24.03 -5.16 6.89
CA LYS B 37 24.75 -6.39 6.57
C LYS B 37 24.87 -6.60 5.06
N ALA B 38 23.83 -6.22 4.32
CA ALA B 38 23.82 -6.34 2.85
C ALA B 38 24.85 -5.43 2.16
N PHE B 39 25.05 -4.23 2.69
CA PHE B 39 26.05 -3.31 2.16
C PHE B 39 27.46 -3.77 2.54
N LYS B 40 27.59 -4.33 3.74
CA LYS B 40 28.86 -4.86 4.21
C LYS B 40 29.37 -6.04 3.35
N VAL B 41 28.46 -6.78 2.73
CA VAL B 41 28.82 -7.81 1.74
C VAL B 41 29.76 -7.25 0.65
N TRP B 42 29.43 -6.06 0.15
CA TRP B 42 30.17 -5.44 -0.96
C TRP B 42 31.33 -4.59 -0.44
N SER B 43 31.15 -3.94 0.71
CA SER B 43 32.21 -3.09 1.26
C SER B 43 33.39 -3.88 1.84
N ASP B 44 33.16 -5.14 2.19
CA ASP B 44 34.24 -6.00 2.73
C ASP B 44 35.24 -6.45 1.65
N VAL B 45 34.87 -6.33 0.38
CA VAL B 45 35.71 -6.82 -0.73
C VAL B 45 36.09 -5.73 -1.73
N THR B 46 35.76 -4.47 -1.40
CA THR B 46 36.07 -3.32 -2.26
C THR B 46 36.42 -2.13 -1.37
N PRO B 47 36.85 -1.00 -1.97
CA PRO B 47 37.04 0.23 -1.17
C PRO B 47 35.75 1.03 -0.96
N LEU B 48 34.61 0.46 -1.29
CA LEU B 48 33.33 1.15 -1.14
C LEU B 48 32.98 1.36 0.34
N ASN B 49 32.38 2.51 0.64
CA ASN B 49 31.92 2.80 1.99
C ASN B 49 30.49 3.31 1.92
N PHE B 50 29.68 2.88 2.88
CA PHE B 50 28.27 3.31 2.92
C PHE B 50 27.92 4.01 4.23
N THR B 51 27.14 5.09 4.10
CA THR B 51 26.62 5.83 5.24
C THR B 51 25.13 6.04 5.08
N ARG B 52 24.39 5.79 6.14
CA ARG B 52 22.95 5.99 6.13
C ARG B 52 22.55 7.45 6.31
N LEU B 53 21.54 7.87 5.55
CA LEU B 53 20.90 9.17 5.75
C LEU B 53 19.48 8.92 6.20
N HIS B 54 19.03 9.71 7.19
CA HIS B 54 17.71 9.53 7.75
C HIS B 54 16.68 10.29 6.94
N ASP B 55 17.14 11.26 6.14
CA ASP B 55 16.25 12.04 5.29
C ASP B 55 16.98 12.66 4.09
N GLY B 56 16.22 13.32 3.20
CA GLY B 56 16.80 13.99 2.03
C GLY B 56 17.14 13.08 0.87
N ILE B 57 18.13 13.48 0.05
CA ILE B 57 18.55 12.72 -1.13
C ILE B 57 19.81 11.89 -0.86
N ALA B 58 19.67 10.56 -0.91
CA ALA B 58 20.81 9.68 -0.81
C ALA B 58 21.12 9.17 -2.20
N ASP B 59 22.32 8.63 -2.39
CA ASP B 59 22.67 7.99 -3.67
C ASP B 59 21.72 6.84 -3.92
N ILE B 60 21.53 6.01 -2.89
CA ILE B 60 20.72 4.80 -2.98
C ILE B 60 19.47 4.97 -2.11
N MET B 61 18.33 5.24 -2.75
CA MET B 61 17.07 5.39 -2.04
C MET B 61 16.36 4.03 -2.00
N ILE B 62 16.04 3.57 -0.79
CA ILE B 62 15.49 2.24 -0.57
C ILE B 62 14.03 2.40 -0.16
N SER B 63 13.14 1.66 -0.81
CA SER B 63 11.71 1.76 -0.50
C SER B 63 10.99 0.45 -0.70
N PHE B 64 9.94 0.27 0.09
CA PHE B 64 9.01 -0.85 -0.04
C PHE B 64 7.78 -0.34 -0.70
N GLY B 65 7.35 -1.00 -1.78
CA GLY B 65 6.13 -0.57 -2.46
C GLY B 65 5.39 -1.76 -3.04
N ILE B 66 4.17 -1.52 -3.53
CA ILE B 66 3.40 -2.54 -4.22
C ILE B 66 2.87 -2.01 -5.54
N LYS B 67 2.51 -2.93 -6.43
CA LYS B 67 1.91 -2.62 -7.73
C LYS B 67 2.61 -1.42 -8.39
N GLU B 68 1.87 -0.41 -8.84
CA GLU B 68 2.48 0.80 -9.39
C GLU B 68 3.05 1.62 -8.23
N HIS B 69 4.33 1.95 -8.31
CA HIS B 69 4.96 2.67 -7.21
C HIS B 69 5.85 3.83 -7.67
N GLY B 70 5.69 4.27 -8.92
CA GLY B 70 6.43 5.43 -9.44
C GLY B 70 7.55 5.15 -10.43
N ASP B 71 7.43 4.07 -11.20
CA ASP B 71 8.44 3.77 -12.23
C ASP B 71 7.83 2.82 -13.26
N PHE B 72 8.64 2.38 -14.22
CA PHE B 72 8.12 1.53 -15.30
C PHE B 72 8.22 0.04 -14.98
N TYR B 73 8.49 -0.30 -13.73
CA TYR B 73 8.62 -1.69 -13.29
C TYR B 73 7.65 -1.99 -12.15
N PRO B 74 6.33 -1.90 -12.43
CA PRO B 74 5.34 -2.16 -11.38
C PRO B 74 5.43 -3.57 -10.83
N PHE B 75 5.24 -3.70 -9.52
CA PHE B 75 5.21 -5.01 -8.89
C PHE B 75 3.91 -5.79 -9.20
N ASP B 76 3.90 -7.07 -8.82
CA ASP B 76 2.93 -8.05 -9.32
C ASP B 76 2.20 -8.83 -8.24
N GLY B 77 2.19 -8.30 -7.02
CA GLY B 77 1.61 -9.01 -5.88
C GLY B 77 2.52 -10.10 -5.35
N PRO B 78 1.99 -11.01 -4.52
CA PRO B 78 2.78 -12.07 -3.87
C PRO B 78 3.50 -12.96 -4.88
N SER B 79 4.73 -13.36 -4.54
CA SER B 79 5.61 -14.18 -5.39
C SER B 79 6.00 -13.44 -6.67
N GLY B 80 6.55 -14.15 -7.65
CA GLY B 80 7.00 -13.53 -8.88
C GLY B 80 8.12 -12.55 -8.58
N LEU B 81 7.98 -11.32 -9.06
CA LEU B 81 8.97 -10.26 -8.79
C LEU B 81 9.09 -10.00 -7.28
N LEU B 82 10.32 -9.98 -6.78
CA LEU B 82 10.56 -9.69 -5.37
C LEU B 82 11.08 -8.25 -5.14
N ALA B 83 11.86 -7.74 -6.07
CA ALA B 83 12.60 -6.51 -5.89
C ALA B 83 13.31 -6.16 -7.19
N HIS B 84 13.64 -4.89 -7.36
CA HIS B 84 14.51 -4.45 -8.44
C HIS B 84 15.31 -3.24 -7.99
N ALA B 85 16.37 -2.97 -8.73
CA ALA B 85 17.29 -1.88 -8.44
C ALA B 85 17.78 -1.31 -9.77
N PHE B 86 18.23 -0.07 -9.73
CA PHE B 86 18.64 0.64 -10.94
C PHE B 86 20.16 0.77 -10.96
N PRO B 87 20.78 0.73 -12.15
CA PRO B 87 22.24 0.84 -12.22
C PRO B 87 22.73 2.19 -11.73
N PRO B 88 24.01 2.30 -11.35
CA PRO B 88 24.59 3.57 -10.94
C PRO B 88 24.24 4.69 -11.94
N GLY B 89 23.87 5.84 -11.40
CA GLY B 89 23.48 6.98 -12.21
C GLY B 89 22.74 7.98 -11.32
N PRO B 90 22.40 9.15 -11.88
CA PRO B 90 21.66 10.17 -11.14
C PRO B 90 20.20 9.80 -10.92
N ASN B 91 19.55 10.53 -10.02
CA ASN B 91 18.11 10.38 -9.76
C ASN B 91 17.72 8.95 -9.31
N TYR B 92 16.99 8.22 -10.15
CA TYR B 92 16.57 6.85 -9.84
C TYR B 92 17.76 5.90 -9.72
N GLY B 93 18.85 6.21 -10.43
CA GLY B 93 20.03 5.36 -10.41
C GLY B 93 20.47 4.96 -9.02
N GLY B 94 20.80 3.69 -8.86
CA GLY B 94 21.17 3.16 -7.55
C GLY B 94 20.00 2.79 -6.65
N ASP B 95 18.81 3.35 -6.88
CA ASP B 95 17.67 3.09 -6.02
C ASP B 95 17.28 1.61 -6.08
N ALA B 96 16.73 1.13 -4.97
CA ALA B 96 16.34 -0.27 -4.79
C ALA B 96 14.93 -0.33 -4.22
N HIS B 97 14.04 -1.04 -4.90
CA HIS B 97 12.63 -1.18 -4.49
C HIS B 97 12.31 -2.62 -4.16
N PHE B 98 11.61 -2.82 -3.05
CA PHE B 98 11.18 -4.13 -2.57
C PHE B 98 9.65 -4.26 -2.61
N ASP B 99 9.16 -5.41 -3.10
CA ASP B 99 7.73 -5.62 -3.25
C ASP B 99 7.15 -5.93 -1.88
N ASP B 100 6.28 -5.04 -1.37
CA ASP B 100 5.76 -5.24 -0.02
C ASP B 100 4.53 -6.18 0.01
N ASP B 101 4.24 -6.82 -1.11
CA ASP B 101 3.31 -7.94 -1.12
C ASP B 101 4.03 -9.27 -0.85
N GLU B 102 5.36 -9.26 -0.73
CA GLU B 102 6.10 -10.44 -0.23
C GLU B 102 6.14 -10.44 1.28
N THR B 103 6.45 -11.60 1.86
CA THR B 103 6.74 -11.70 3.28
C THR B 103 8.23 -11.66 3.52
N TRP B 104 8.65 -10.54 4.09
CA TRP B 104 10.05 -10.28 4.37
C TRP B 104 10.39 -10.75 5.79
N THR B 105 11.54 -11.43 5.93
CA THR B 105 11.94 -12.01 7.22
C THR B 105 13.44 -11.86 7.49
N SER B 106 13.79 -12.04 8.76
CA SER B 106 15.19 -12.18 9.19
C SER B 106 15.61 -13.64 9.17
N SER B 107 14.69 -14.54 8.86
CA SER B 107 14.87 -15.98 9.02
C SER B 107 14.81 -16.73 7.69
N SER B 108 14.62 -18.04 7.78
CA SER B 108 14.40 -18.91 6.62
C SER B 108 12.97 -18.89 6.10
N LYS B 109 12.08 -18.19 6.79
CA LYS B 109 10.68 -18.13 6.39
C LYS B 109 10.52 -17.02 5.37
N GLY B 110 9.41 -17.04 4.64
CA GLY B 110 9.18 -16.05 3.57
C GLY B 110 10.44 -15.81 2.75
N TYR B 111 10.71 -14.55 2.41
CA TYR B 111 11.95 -14.18 1.72
C TYR B 111 12.86 -13.43 2.67
N ASN B 112 14.09 -13.90 2.80
CA ASN B 112 15.08 -13.29 3.66
C ASN B 112 15.50 -11.94 3.08
N LEU B 113 15.26 -10.86 3.83
CA LEU B 113 15.48 -9.51 3.30
C LEU B 113 16.97 -9.21 3.00
N PHE B 114 17.84 -9.67 3.89
CA PHE B 114 19.30 -9.55 3.70
C PHE B 114 19.80 -10.07 2.35
N LEU B 115 19.41 -11.30 2.01
CA LEU B 115 19.89 -11.94 0.79
C LEU B 115 19.39 -11.21 -0.43
N VAL B 116 18.11 -10.86 -0.42
CA VAL B 116 17.50 -10.17 -1.55
C VAL B 116 18.11 -8.77 -1.66
N ALA B 117 18.26 -8.08 -0.53
CA ALA B 117 18.89 -6.75 -0.50
C ALA B 117 20.34 -6.78 -0.98
N ALA B 118 21.09 -7.79 -0.56
CA ALA B 118 22.48 -7.93 -1.02
C ALA B 118 22.56 -8.06 -2.54
N HIS B 119 21.68 -8.90 -3.12
CA HIS B 119 21.52 -9.02 -4.58
C HIS B 119 21.21 -7.68 -5.21
N GLU B 120 20.17 -7.03 -4.71
CA GLU B 120 19.76 -5.72 -5.22
C GLU B 120 20.84 -4.65 -5.15
N PHE B 121 21.60 -4.62 -4.06
CA PHE B 121 22.67 -3.61 -3.94
C PHE B 121 23.81 -3.89 -4.92
N GLY B 122 23.97 -5.16 -5.30
CA GLY B 122 24.85 -5.48 -6.43
C GLY B 122 24.46 -4.66 -7.64
N HIS B 123 23.15 -4.68 -7.96
CA HIS B 123 22.60 -3.87 -9.05
C HIS B 123 22.88 -2.38 -8.85
N SER B 124 22.60 -1.89 -7.63
CA SER B 124 22.83 -0.48 -7.26
C SER B 124 24.29 -0.07 -7.51
N LEU B 125 25.20 -1.04 -7.53
CA LEU B 125 26.64 -0.76 -7.68
C LEU B 125 27.19 -1.01 -9.09
N GLY B 126 26.41 -1.64 -9.96
CA GLY B 126 26.81 -1.85 -11.37
C GLY B 126 26.80 -3.28 -11.87
N LEU B 127 26.46 -4.23 -11.00
CA LEU B 127 26.41 -5.63 -11.42
C LEU B 127 25.03 -5.99 -11.95
N ASP B 128 25.00 -6.59 -13.13
CA ASP B 128 23.79 -7.19 -13.68
C ASP B 128 23.85 -8.66 -13.30
N HIS B 129 22.97 -9.45 -13.91
CA HIS B 129 22.78 -10.82 -13.50
C HIS B 129 23.90 -11.71 -13.98
N SER B 130 24.29 -12.61 -13.08
CA SER B 130 25.23 -13.68 -13.37
C SER B 130 24.49 -14.85 -14.00
N LYS B 131 25.20 -15.59 -14.85
CA LYS B 131 24.70 -16.84 -15.43
C LYS B 131 25.08 -18.03 -14.55
N ASP B 132 25.93 -17.79 -13.55
CA ASP B 132 26.40 -18.81 -12.61
C ASP B 132 25.40 -19.06 -11.47
N PRO B 133 24.83 -20.30 -11.38
CA PRO B 133 23.76 -20.60 -10.39
C PRO B 133 24.15 -20.46 -8.90
N GLY B 134 25.46 -20.48 -8.60
CA GLY B 134 25.94 -20.29 -7.24
C GLY B 134 26.28 -18.84 -6.92
N ALA B 135 26.03 -17.93 -7.86
CA ALA B 135 26.33 -16.51 -7.68
C ALA B 135 25.16 -15.78 -7.00
N LEU B 136 25.49 -14.77 -6.20
CA LEU B 136 24.51 -13.96 -5.51
C LEU B 136 23.70 -13.20 -6.54
N MET B 137 24.36 -12.80 -7.63
CA MET B 137 23.71 -12.03 -8.71
C MET B 137 22.90 -12.89 -9.69
N PHE B 138 22.84 -14.20 -9.45
CA PHE B 138 21.98 -15.12 -10.20
C PHE B 138 20.54 -14.76 -9.84
N PRO B 139 19.66 -14.62 -10.86
CA PRO B 139 18.33 -14.04 -10.57
C PRO B 139 17.32 -15.04 -10.02
N ILE B 140 17.75 -15.97 -9.18
CA ILE B 140 16.84 -16.95 -8.60
C ILE B 140 17.06 -16.97 -7.09
N TYR B 141 15.97 -16.83 -6.32
CA TYR B 141 16.10 -16.80 -4.86
C TYR B 141 16.41 -18.19 -4.32
N THR B 142 17.43 -18.29 -3.46
CA THR B 142 17.61 -19.45 -2.61
C THR B 142 18.10 -19.00 -1.22
N TYR B 143 17.52 -19.57 -0.17
CA TYR B 143 17.95 -19.29 1.18
C TYR B 143 19.21 -20.11 1.45
N THR B 144 20.24 -19.46 2.01
CA THR B 144 21.53 -20.11 2.24
C THR B 144 21.56 -20.77 3.62
N GLY B 145 22.13 -21.98 3.68
CA GLY B 145 22.26 -22.74 4.93
C GLY B 145 23.67 -22.64 5.51
N LYS B 146 24.68 -22.59 4.63
CA LYS B 146 26.03 -22.19 5.04
C LYS B 146 25.89 -20.81 5.68
N SER B 147 25.85 -20.80 7.00
CA SER B 147 25.18 -19.74 7.77
C SER B 147 25.93 -18.41 7.82
N HIS B 148 27.25 -18.46 7.82
CA HIS B 148 28.05 -17.22 7.76
C HIS B 148 28.21 -16.91 6.26
N PHE B 149 27.46 -15.93 5.77
CA PHE B 149 27.36 -15.69 4.33
C PHE B 149 28.71 -15.36 3.71
N MET B 150 29.17 -16.22 2.80
CA MET B 150 30.40 -16.01 2.05
C MET B 150 30.02 -15.55 0.64
N LEU B 151 30.37 -14.33 0.27
CA LEU B 151 30.07 -13.81 -1.08
C LEU B 151 30.73 -14.68 -2.13
N PRO B 152 29.96 -15.23 -3.08
CA PRO B 152 30.60 -16.16 -4.02
C PRO B 152 31.72 -15.55 -4.91
N ASP B 153 32.60 -16.41 -5.41
CA ASP B 153 33.73 -16.02 -6.23
C ASP B 153 33.35 -15.16 -7.43
N ASP B 154 32.29 -15.55 -8.13
CA ASP B 154 31.85 -14.83 -9.33
C ASP B 154 31.51 -13.38 -8.98
N ASP B 155 30.86 -13.21 -7.85
CA ASP B 155 30.39 -11.90 -7.39
C ASP B 155 31.54 -11.02 -6.90
N VAL B 156 32.54 -11.65 -6.29
CA VAL B 156 33.71 -10.91 -5.80
C VAL B 156 34.47 -10.33 -7.00
N GLN B 157 34.79 -11.19 -7.97
CA GLN B 157 35.49 -10.76 -9.19
C GLN B 157 34.69 -9.75 -9.98
N GLY B 158 33.37 -9.91 -9.97
CA GLY B 158 32.49 -8.96 -10.64
C GLY B 158 32.59 -7.57 -10.04
N ILE B 159 32.40 -7.46 -8.73
CA ILE B 159 32.44 -6.16 -8.07
C ILE B 159 33.83 -5.53 -8.12
N GLN B 160 34.87 -6.36 -7.99
CA GLN B 160 36.27 -5.88 -8.09
C GLN B 160 36.66 -5.44 -9.51
N SER B 161 35.93 -5.91 -10.52
CA SER B 161 36.15 -5.43 -11.89
C SER B 161 35.74 -3.96 -11.99
N LEU B 162 34.79 -3.56 -11.15
CA LEU B 162 34.30 -2.20 -11.14
C LEU B 162 35.08 -1.27 -10.19
N TYR B 163 35.37 -1.73 -8.98
CA TYR B 163 35.92 -0.84 -7.96
C TYR B 163 37.27 -1.27 -7.37
N GLY B 164 37.86 -2.31 -7.92
CA GLY B 164 39.12 -2.83 -7.40
C GLY B 164 38.88 -3.64 -6.14
N TYR C 1 7.73 -55.06 37.31
CA TYR C 1 7.09 -53.77 37.72
C TYR C 1 6.84 -52.87 36.51
N ASN C 2 5.87 -51.97 36.66
CA ASN C 2 5.59 -50.95 35.67
C ASN C 2 5.41 -49.57 36.32
N VAL C 3 5.82 -48.54 35.58
CA VAL C 3 5.59 -47.15 35.97
C VAL C 3 4.49 -46.63 35.04
N PHE C 4 4.01 -45.43 35.28
CA PHE C 4 2.89 -44.89 34.48
C PHE C 4 3.35 -44.43 33.10
N PRO C 5 2.41 -44.40 32.12
CA PRO C 5 2.78 -44.00 30.75
C PRO C 5 3.42 -42.62 30.74
N ARG C 6 4.56 -42.52 30.04
CA ARG C 6 5.41 -41.34 30.07
C ARG C 6 4.95 -40.27 29.08
N THR C 7 5.54 -39.08 29.22
CA THR C 7 5.16 -37.87 28.48
C THR C 7 6.18 -37.52 27.36
N LEU C 8 7.10 -36.59 27.66
CA LEU C 8 8.13 -36.03 26.74
C LEU C 8 7.68 -35.30 25.45
N LYS C 9 7.40 -36.00 24.35
CA LYS C 9 7.15 -35.31 23.05
C LYS C 9 6.27 -36.05 22.02
N TRP C 10 5.67 -35.27 21.13
CA TRP C 10 4.94 -35.82 19.99
C TRP C 10 5.85 -36.62 19.07
N SER C 11 5.37 -37.79 18.64
CA SER C 11 6.15 -38.71 17.80
C SER C 11 6.00 -38.41 16.30
N LYS C 12 5.23 -37.40 15.99
CA LYS C 12 5.03 -36.96 14.61
C LYS C 12 5.20 -35.44 14.57
N MET C 13 5.62 -34.91 13.44
CA MET C 13 5.87 -33.49 13.27
C MET C 13 4.65 -32.74 12.73
N ASN C 14 3.73 -33.47 12.11
CA ASN C 14 2.51 -32.88 11.57
C ASN C 14 1.35 -33.08 12.54
N LEU C 15 1.02 -32.03 13.25
CA LEU C 15 -0.05 -32.04 14.23
C LEU C 15 -1.27 -31.31 13.69
N THR C 16 -2.45 -31.73 14.15
CA THR C 16 -3.69 -31.07 13.78
C THR C 16 -4.27 -30.41 15.00
N TYR C 17 -5.04 -29.36 14.77
CA TYR C 17 -5.77 -28.73 15.86
C TYR C 17 -7.17 -28.37 15.42
N ARG C 18 -8.05 -28.19 16.39
CA ARG C 18 -9.43 -27.86 16.13
C ARG C 18 -9.92 -26.83 17.13
N ILE C 19 -10.53 -25.76 16.64
CA ILE C 19 -11.12 -24.77 17.50
C ILE C 19 -12.56 -25.22 17.70
N VAL C 20 -12.80 -25.90 18.82
CA VAL C 20 -14.11 -26.50 19.11
C VAL C 20 -15.23 -25.45 19.30
N ASN C 21 -14.90 -24.34 19.93
CA ASN C 21 -15.88 -23.25 20.11
C ASN C 21 -15.17 -21.91 20.31
N TYR C 22 -15.95 -20.85 20.51
CA TYR C 22 -15.39 -19.50 20.43
C TYR C 22 -15.83 -18.61 21.56
N THR C 23 -14.90 -17.78 22.04
CA THR C 23 -15.21 -16.78 23.05
C THR C 23 -16.16 -15.69 22.51
N PRO C 24 -17.03 -15.15 23.38
CA PRO C 24 -17.86 -14.01 22.96
C PRO C 24 -17.09 -12.71 22.72
N ASP C 25 -15.89 -12.61 23.29
CA ASP C 25 -15.17 -11.33 23.38
C ASP C 25 -14.51 -10.89 22.08
N MET C 26 -14.29 -11.83 21.17
CA MET C 26 -13.57 -11.56 19.93
C MET C 26 -14.32 -12.19 18.76
N THR C 27 -14.07 -11.72 17.54
CA THR C 27 -14.70 -12.31 16.35
C THR C 27 -14.05 -13.65 16.04
N HIS C 28 -14.75 -14.49 15.28
CA HIS C 28 -14.20 -15.77 14.86
C HIS C 28 -12.84 -15.59 14.19
N SER C 29 -12.76 -14.58 13.32
CA SER C 29 -11.53 -14.26 12.58
C SER C 29 -10.38 -13.86 13.52
N GLU C 30 -10.65 -12.96 14.44
CA GLU C 30 -9.67 -12.57 15.47
C GLU C 30 -9.11 -13.75 16.26
N VAL C 31 -10.02 -14.60 16.73
CA VAL C 31 -9.67 -15.80 17.51
C VAL C 31 -8.83 -16.76 16.68
N GLU C 32 -9.30 -17.02 15.46
CA GLU C 32 -8.58 -17.86 14.51
C GLU C 32 -7.17 -17.32 14.22
N LYS C 33 -7.05 -16.00 14.09
CA LYS C 33 -5.77 -15.35 13.81
C LYS C 33 -4.84 -15.46 15.01
N ALA C 34 -5.41 -15.26 16.20
CA ALA C 34 -4.65 -15.41 17.44
C ALA C 34 -4.02 -16.82 17.50
N PHE C 35 -4.84 -17.86 17.35
CA PHE C 35 -4.33 -19.24 17.45
C PHE C 35 -3.33 -19.60 16.33
N LYS C 36 -3.61 -19.14 15.11
CA LYS C 36 -2.71 -19.41 13.98
C LYS C 36 -1.33 -18.81 14.24
N LYS C 37 -1.33 -17.56 14.71
CA LYS C 37 -0.09 -16.89 15.06
C LYS C 37 0.63 -17.61 16.19
N ALA C 38 -0.12 -18.09 17.18
CA ALA C 38 0.46 -18.81 18.34
C ALA C 38 1.18 -20.10 17.96
N PHE C 39 0.58 -20.87 17.04
CA PHE C 39 1.23 -22.08 16.52
C PHE C 39 2.48 -21.73 15.69
N LYS C 40 2.40 -20.61 14.96
CA LYS C 40 3.52 -20.12 14.15
C LYS C 40 4.77 -19.87 14.99
N VAL C 41 4.56 -19.34 16.19
CA VAL C 41 5.66 -19.13 17.14
C VAL C 41 6.59 -20.35 17.26
N TRP C 42 5.99 -21.53 17.36
CA TRP C 42 6.72 -22.78 17.57
C TRP C 42 7.11 -23.45 16.26
N SER C 43 6.25 -23.39 15.25
CA SER C 43 6.57 -23.96 13.94
C SER C 43 7.71 -23.21 13.24
N ASP C 44 7.87 -21.93 13.58
CA ASP C 44 8.97 -21.12 13.01
C ASP C 44 10.37 -21.58 13.42
N VAL C 45 10.49 -22.25 14.55
CA VAL C 45 11.80 -22.61 15.09
C VAL C 45 11.97 -24.11 15.30
N THR C 46 11.08 -24.91 14.69
CA THR C 46 11.13 -26.37 14.79
C THR C 46 10.62 -26.98 13.48
N PRO C 47 10.76 -28.32 13.31
CA PRO C 47 10.14 -28.98 12.14
C PRO C 47 8.63 -29.18 12.26
N LEU C 48 8.04 -28.86 13.42
CA LEU C 48 6.61 -29.05 13.64
C LEU C 48 5.77 -28.23 12.66
N ASN C 49 4.73 -28.86 12.12
CA ASN C 49 3.74 -28.20 11.26
C ASN C 49 2.36 -28.43 11.86
N PHE C 50 1.48 -27.43 11.75
CA PHE C 50 0.16 -27.50 12.36
C PHE C 50 -0.92 -27.22 11.33
N THR C 51 -1.90 -28.13 11.24
CA THR C 51 -3.03 -28.05 10.31
C THR C 51 -4.34 -27.95 11.12
N ARG C 52 -5.24 -27.10 10.68
CA ARG C 52 -6.50 -26.90 11.39
C ARG C 52 -7.54 -27.87 10.83
N LEU C 53 -8.22 -28.59 11.72
CA LEU C 53 -9.37 -29.41 11.33
C LEU C 53 -10.64 -28.73 11.80
N HIS C 54 -11.70 -28.85 11.01
CA HIS C 54 -12.99 -28.25 11.30
C HIS C 54 -13.94 -29.18 12.03
N ASP C 55 -13.77 -30.49 11.86
CA ASP C 55 -14.57 -31.47 12.59
C ASP C 55 -13.77 -32.71 13.04
N GLY C 56 -14.37 -33.44 13.97
CA GLY C 56 -13.81 -34.70 14.44
C GLY C 56 -12.66 -34.50 15.40
N ILE C 57 -11.90 -35.56 15.63
CA ILE C 57 -10.80 -35.52 16.57
C ILE C 57 -9.55 -34.92 15.93
N ALA C 58 -8.92 -34.00 16.65
CA ALA C 58 -7.65 -33.40 16.30
C ALA C 58 -6.68 -33.64 17.45
N ASP C 59 -5.38 -33.49 17.22
CA ASP C 59 -4.39 -33.71 18.27
C ASP C 59 -4.62 -32.68 19.36
N ILE C 60 -4.67 -31.41 18.96
CA ILE C 60 -4.81 -30.32 19.90
C ILE C 60 -6.22 -29.75 19.81
N MET C 61 -7.08 -30.14 20.75
CA MET C 61 -8.44 -29.67 20.76
C MET C 61 -8.47 -28.42 21.59
N ILE C 62 -8.99 -27.34 21.02
CA ILE C 62 -8.99 -26.04 21.67
C ILE C 62 -10.44 -25.67 22.01
N SER C 63 -10.69 -25.27 23.26
CA SER C 63 -12.01 -24.80 23.65
C SER C 63 -11.97 -23.75 24.77
N PHE C 64 -13.08 -23.03 24.90
CA PHE C 64 -13.32 -22.02 25.92
C PHE C 64 -14.40 -22.58 26.82
N GLY C 65 -14.17 -22.56 28.12
CA GLY C 65 -15.13 -23.11 29.11
C GLY C 65 -15.08 -22.28 30.38
N ILE C 66 -16.03 -22.48 31.28
CA ILE C 66 -15.99 -21.80 32.58
C ILE C 66 -16.15 -22.81 33.70
N LYS C 67 -15.71 -22.43 34.90
CA LYS C 67 -15.84 -23.25 36.08
C LYS C 67 -15.52 -24.73 35.78
N GLU C 68 -16.35 -25.67 36.22
CA GLU C 68 -16.13 -27.09 35.86
C GLU C 68 -16.62 -27.34 34.43
N HIS C 69 -15.68 -27.70 33.56
CA HIS C 69 -15.91 -27.77 32.12
C HIS C 69 -15.52 -29.12 31.49
N GLY C 70 -15.35 -30.16 32.34
CA GLY C 70 -15.32 -31.53 31.83
C GLY C 70 -14.08 -32.35 32.10
N ASP C 71 -13.07 -31.74 32.72
CA ASP C 71 -11.81 -32.45 33.03
C ASP C 71 -11.50 -32.50 34.54
N PHE C 72 -12.40 -31.98 35.38
CA PHE C 72 -12.17 -31.88 36.85
C PHE C 72 -10.98 -30.99 37.25
N TYR C 73 -10.55 -30.12 36.34
CA TYR C 73 -9.60 -29.05 36.64
C TYR C 73 -10.37 -27.73 36.46
N PRO C 74 -11.25 -27.40 37.40
CA PRO C 74 -12.19 -26.30 37.14
C PRO C 74 -11.55 -24.92 37.02
N PHE C 75 -12.11 -24.08 36.17
CA PHE C 75 -11.73 -22.67 36.12
C PHE C 75 -12.45 -21.93 37.25
N ASP C 76 -12.00 -20.71 37.52
CA ASP C 76 -12.21 -20.07 38.81
C ASP C 76 -12.90 -18.71 38.69
N GLY C 77 -13.48 -18.44 37.53
CA GLY C 77 -14.06 -17.14 37.25
C GLY C 77 -13.00 -16.09 36.89
N PRO C 78 -13.39 -14.80 36.92
CA PRO C 78 -12.48 -13.70 36.56
C PRO C 78 -11.12 -13.78 37.27
N SER C 79 -10.05 -13.54 36.53
CA SER C 79 -8.67 -13.60 37.05
C SER C 79 -8.25 -14.99 37.54
N GLY C 80 -7.18 -15.06 38.31
CA GLY C 80 -6.65 -16.33 38.81
C GLY C 80 -6.09 -17.17 37.68
N LEU C 81 -6.59 -18.40 37.53
CA LEU C 81 -6.33 -19.23 36.35
C LEU C 81 -6.86 -18.58 35.09
N LEU C 82 -6.03 -18.49 34.06
CA LEU C 82 -6.45 -17.97 32.76
C LEU C 82 -6.72 -19.09 31.76
N ALA C 83 -5.95 -20.18 31.86
CA ALA C 83 -5.98 -21.25 30.86
C ALA C 83 -5.12 -22.41 31.33
N HIS C 84 -5.32 -23.59 30.75
CA HIS C 84 -4.41 -24.72 30.98
C HIS C 84 -4.42 -25.63 29.78
N ALA C 85 -3.38 -26.44 29.66
CA ALA C 85 -3.23 -27.34 28.56
C ALA C 85 -2.44 -28.57 29.01
N PHE C 86 -2.74 -29.70 28.39
CA PHE C 86 -2.17 -30.97 28.80
C PHE C 86 -0.93 -31.27 27.99
N PRO C 87 0.08 -31.91 28.60
CA PRO C 87 1.27 -32.41 27.88
C PRO C 87 0.92 -33.35 26.72
N PRO C 88 1.88 -33.62 25.81
CA PRO C 88 1.60 -34.48 24.65
C PRO C 88 1.13 -35.88 25.02
N GLY C 89 0.30 -36.45 24.14
CA GLY C 89 -0.31 -37.76 24.37
C GLY C 89 -1.70 -37.84 23.76
N PRO C 90 -2.33 -39.01 23.85
CA PRO C 90 -3.66 -39.19 23.27
C PRO C 90 -4.77 -38.49 24.07
N ASN C 91 -5.96 -38.47 23.49
CA ASN C 91 -7.15 -37.92 24.14
C ASN C 91 -6.98 -36.46 24.58
N TYR C 92 -6.92 -36.21 25.90
CA TYR C 92 -6.84 -34.85 26.43
C TYR C 92 -5.44 -34.28 26.26
N GLY C 93 -4.46 -35.17 26.07
CA GLY C 93 -3.09 -34.78 25.79
C GLY C 93 -3.03 -33.74 24.68
N GLY C 94 -2.29 -32.67 24.93
CA GLY C 94 -2.18 -31.57 23.98
C GLY C 94 -3.31 -30.54 24.00
N ASP C 95 -4.48 -30.91 24.51
CA ASP C 95 -5.65 -30.03 24.43
C ASP C 95 -5.42 -28.78 25.28
N ALA C 96 -6.07 -27.68 24.90
CA ALA C 96 -5.84 -26.40 25.59
C ALA C 96 -7.20 -25.76 25.88
N HIS C 97 -7.41 -25.37 27.14
CA HIS C 97 -8.67 -24.78 27.58
C HIS C 97 -8.46 -23.36 28.08
N PHE C 98 -9.38 -22.49 27.70
CA PHE C 98 -9.31 -21.07 28.04
C PHE C 98 -10.52 -20.68 28.86
N ASP C 99 -10.28 -19.99 29.96
CA ASP C 99 -11.33 -19.63 30.87
C ASP C 99 -12.12 -18.46 30.28
N ASP C 100 -13.38 -18.72 29.93
CA ASP C 100 -14.20 -17.70 29.28
C ASP C 100 -14.92 -16.79 30.26
N ASP C 101 -14.46 -16.78 31.50
CA ASP C 101 -14.80 -15.71 32.43
C ASP C 101 -13.74 -14.60 32.41
N GLU C 102 -12.68 -14.79 31.63
CA GLU C 102 -11.68 -13.73 31.44
C GLU C 102 -12.17 -12.89 30.29
N THR C 103 -11.60 -11.69 30.15
CA THR C 103 -11.86 -10.87 28.98
C THR C 103 -10.68 -11.06 28.05
N TRP C 104 -10.94 -11.71 26.91
CA TRP C 104 -9.93 -12.01 25.89
C TRP C 104 -9.94 -10.93 24.83
N THR C 105 -8.75 -10.63 24.29
CA THR C 105 -8.61 -9.52 23.34
C THR C 105 -7.51 -9.75 22.30
N SER C 106 -7.67 -9.10 21.14
CA SER C 106 -6.61 -9.06 20.12
C SER C 106 -5.55 -8.03 20.45
N SER C 107 -5.84 -7.14 21.40
CA SER C 107 -4.87 -6.10 21.78
C SER C 107 -4.54 -6.20 23.28
N SER C 108 -4.90 -5.20 24.08
CA SER C 108 -4.41 -5.08 25.46
C SER C 108 -5.48 -4.89 26.54
N LYS C 109 -6.71 -4.56 26.15
CA LYS C 109 -7.79 -4.35 27.12
C LYS C 109 -8.35 -5.70 27.57
N GLY C 110 -7.61 -6.34 28.48
CA GLY C 110 -7.92 -7.68 28.95
C GLY C 110 -6.67 -8.54 28.82
N TYR C 111 -6.87 -9.82 28.55
CA TYR C 111 -5.75 -10.73 28.31
C TYR C 111 -5.63 -11.02 26.83
N ASN C 112 -4.46 -10.71 26.26
CA ASN C 112 -4.18 -10.96 24.85
C ASN C 112 -4.21 -12.47 24.59
N LEU C 113 -5.15 -12.93 23.76
CA LEU C 113 -5.36 -14.35 23.52
C LEU C 113 -4.13 -14.98 22.87
N PHE C 114 -3.56 -14.29 21.88
CA PHE C 114 -2.36 -14.77 21.19
C PHE C 114 -1.23 -15.11 22.19
N LEU C 115 -0.97 -14.21 23.13
CA LEU C 115 0.12 -14.44 24.09
C LEU C 115 -0.16 -15.63 25.00
N VAL C 116 -1.36 -15.70 25.56
CA VAL C 116 -1.70 -16.79 26.46
C VAL C 116 -1.71 -18.11 25.66
N ALA C 117 -2.26 -18.06 24.46
CA ALA C 117 -2.32 -19.21 23.56
C ALA C 117 -0.93 -19.76 23.31
N ALA C 118 0.00 -18.87 22.98
CA ALA C 118 1.36 -19.27 22.61
C ALA C 118 2.05 -19.97 23.79
N HIS C 119 1.85 -19.42 24.98
CA HIS C 119 2.30 -20.04 26.24
C HIS C 119 1.68 -21.44 26.38
N GLU C 120 0.34 -21.50 26.30
CA GLU C 120 -0.37 -22.77 26.44
C GLU C 120 0.08 -23.83 25.43
N PHE C 121 0.24 -23.45 24.16
CA PHE C 121 0.68 -24.42 23.15
C PHE C 121 2.10 -24.94 23.44
N GLY C 122 2.91 -24.12 24.10
CA GLY C 122 4.17 -24.61 24.69
C GLY C 122 3.96 -25.82 25.60
N HIS C 123 2.92 -25.77 26.44
CA HIS C 123 2.54 -26.91 27.27
C HIS C 123 2.08 -28.06 26.37
N SER C 124 1.26 -27.75 25.36
CA SER C 124 0.75 -28.77 24.44
C SER C 124 1.89 -29.58 23.76
N LEU C 125 3.04 -28.94 23.60
CA LEU C 125 4.18 -29.52 22.91
C LEU C 125 5.20 -30.22 23.81
N GLY C 126 5.08 -30.01 25.13
CA GLY C 126 5.92 -30.70 26.11
C GLY C 126 6.75 -29.81 27.02
N LEU C 127 6.61 -28.49 26.88
CA LEU C 127 7.35 -27.54 27.73
C LEU C 127 6.62 -27.20 29.03
N ASP C 128 7.36 -27.30 30.14
CA ASP C 128 6.92 -26.89 31.47
C ASP C 128 7.24 -25.40 31.66
N HIS C 129 6.92 -24.87 32.84
CA HIS C 129 7.20 -23.49 33.16
C HIS C 129 8.70 -23.20 33.29
N SER C 130 9.06 -21.98 32.91
CA SER C 130 10.42 -21.50 32.92
C SER C 130 10.64 -20.62 34.15
N LYS C 131 11.87 -20.58 34.64
CA LYS C 131 12.24 -19.72 35.77
C LYS C 131 12.78 -18.38 35.29
N ASP C 132 13.02 -18.28 33.97
CA ASP C 132 13.49 -17.06 33.34
C ASP C 132 12.31 -16.10 33.16
N PRO C 133 12.32 -14.96 33.90
CA PRO C 133 11.18 -14.04 33.87
C PRO C 133 10.87 -13.41 32.51
N GLY C 134 11.82 -13.51 31.58
CA GLY C 134 11.62 -13.02 30.21
C GLY C 134 11.12 -14.10 29.25
N ALA C 135 10.99 -15.33 29.73
CA ALA C 135 10.56 -16.43 28.87
C ALA C 135 9.05 -16.41 28.65
N LEU C 136 8.63 -16.82 27.45
CA LEU C 136 7.20 -16.98 27.16
C LEU C 136 6.59 -17.98 28.13
N MET C 137 7.36 -19.03 28.48
CA MET C 137 6.89 -20.07 29.40
C MET C 137 6.98 -19.68 30.89
N PHE C 138 7.28 -18.42 31.19
CA PHE C 138 7.20 -17.90 32.56
C PHE C 138 5.71 -17.76 32.91
N PRO C 139 5.28 -18.24 34.11
CA PRO C 139 3.85 -18.24 34.47
C PRO C 139 3.19 -16.93 34.92
N ILE C 140 3.75 -15.77 34.58
CA ILE C 140 3.08 -14.49 34.81
C ILE C 140 2.76 -13.75 33.50
N TYR C 141 1.51 -13.35 33.31
CA TYR C 141 1.14 -12.62 32.09
C TYR C 141 1.69 -11.20 32.08
N THR C 142 2.27 -10.79 30.96
CA THR C 142 2.66 -9.39 30.73
C THR C 142 2.52 -9.10 29.25
N TYR C 143 2.22 -7.85 28.91
CA TYR C 143 1.84 -7.47 27.55
C TYR C 143 2.96 -6.73 26.84
N THR C 144 3.56 -7.40 25.85
CA THR C 144 4.74 -6.90 25.13
C THR C 144 4.51 -6.75 23.63
N GLY C 145 5.59 -6.39 22.95
CA GLY C 145 5.75 -6.60 21.50
C GLY C 145 6.60 -5.51 20.86
N LYS C 146 5.99 -4.38 20.58
CA LYS C 146 4.55 -4.23 20.79
C LYS C 146 3.80 -4.80 19.58
N SER C 147 4.26 -4.47 18.38
CA SER C 147 3.60 -4.96 17.17
C SER C 147 4.12 -6.34 16.71
N HIS C 148 5.38 -6.65 17.02
CA HIS C 148 6.03 -7.93 16.64
C HIS C 148 6.40 -8.76 17.87
N PHE C 149 6.25 -10.08 17.78
CA PHE C 149 6.63 -10.98 18.86
C PHE C 149 7.85 -11.80 18.45
N MET C 150 8.82 -11.88 19.34
CA MET C 150 10.05 -12.64 19.11
C MET C 150 10.16 -13.64 20.27
N LEU C 151 10.21 -14.92 19.95
CA LEU C 151 10.28 -15.97 20.96
C LEU C 151 11.59 -15.87 21.72
N PRO C 152 11.54 -15.68 23.06
CA PRO C 152 12.78 -15.55 23.82
C PRO C 152 13.69 -16.78 23.69
N ASP C 153 14.98 -16.55 23.90
CA ASP C 153 15.99 -17.59 23.74
C ASP C 153 15.72 -18.82 24.61
N ASP C 154 15.19 -18.63 25.80
CA ASP C 154 14.96 -19.74 26.70
C ASP C 154 13.92 -20.72 26.13
N ASP C 155 12.87 -20.17 25.50
CA ASP C 155 11.80 -20.99 24.94
C ASP C 155 12.30 -21.69 23.68
N VAL C 156 13.13 -21.00 22.90
CA VAL C 156 13.65 -21.58 21.66
C VAL C 156 14.61 -22.73 21.99
N GLN C 157 15.41 -22.57 23.05
CA GLN C 157 16.30 -23.65 23.51
C GLN C 157 15.46 -24.82 24.04
N GLY C 158 14.46 -24.50 24.85
CA GLY C 158 13.52 -25.51 25.36
C GLY C 158 12.88 -26.36 24.28
N ILE C 159 12.25 -25.73 23.29
CA ILE C 159 11.51 -26.47 22.25
C ILE C 159 12.46 -27.20 21.31
N GLN C 160 13.57 -26.59 20.95
CA GLN C 160 14.56 -27.21 20.05
C GLN C 160 15.26 -28.41 20.72
N SER C 161 15.36 -28.38 22.05
CA SER C 161 15.84 -29.55 22.80
C SER C 161 14.91 -30.76 22.68
N LEU C 162 13.63 -30.52 22.39
CA LEU C 162 12.66 -31.59 22.17
C LEU C 162 12.55 -32.02 20.72
N TYR C 163 12.44 -31.05 19.81
CA TYR C 163 12.07 -31.31 18.41
C TYR C 163 13.15 -31.02 17.38
N GLY C 164 14.24 -30.40 17.81
CA GLY C 164 15.28 -29.90 16.90
C GLY C 164 14.86 -28.57 16.31
N TYR D 1 -26.47 9.26 -25.04
CA TYR D 1 -25.36 9.97 -24.34
C TYR D 1 -25.07 9.32 -23.00
N ASN D 2 -23.82 9.42 -22.54
CA ASN D 2 -23.45 8.94 -21.22
C ASN D 2 -22.55 9.96 -20.53
N VAL D 3 -22.72 10.08 -19.22
CA VAL D 3 -21.90 10.96 -18.42
C VAL D 3 -20.98 10.10 -17.57
N PHE D 4 -20.24 10.74 -16.66
CA PHE D 4 -19.44 10.01 -15.68
C PHE D 4 -20.14 10.09 -14.31
N PRO D 5 -20.84 9.00 -13.91
CA PRO D 5 -21.40 8.87 -12.57
C PRO D 5 -20.36 9.06 -11.46
N ARG D 6 -20.68 9.91 -10.49
CA ARG D 6 -19.79 10.16 -9.35
C ARG D 6 -20.19 9.28 -8.18
N THR D 7 -19.27 8.43 -7.72
CA THR D 7 -19.53 7.61 -6.54
C THR D 7 -19.44 8.53 -5.32
N LEU D 8 -20.58 8.76 -4.68
CA LEU D 8 -20.67 9.71 -3.57
C LEU D 8 -20.31 9.06 -2.23
N LYS D 9 -20.48 7.73 -2.14
CA LYS D 9 -20.27 7.00 -0.90
C LYS D 9 -20.12 5.50 -1.11
N TRP D 10 -19.54 4.83 -0.13
CA TRP D 10 -19.43 3.36 -0.15
C TRP D 10 -20.81 2.73 -0.01
N SER D 11 -21.04 1.64 -0.73
CA SER D 11 -22.35 0.99 -0.79
C SER D 11 -22.49 -0.11 0.26
N LYS D 12 -21.44 -0.29 1.07
CA LYS D 12 -21.44 -1.24 2.17
C LYS D 12 -20.96 -0.46 3.41
N MET D 13 -21.35 -0.93 4.59
CA MET D 13 -20.97 -0.27 5.83
C MET D 13 -19.72 -0.89 6.44
N ASN D 14 -19.40 -2.13 6.05
CA ASN D 14 -18.19 -2.79 6.54
C ASN D 14 -17.03 -2.66 5.58
N LEU D 15 -16.10 -1.77 5.91
CA LEU D 15 -14.94 -1.47 5.08
C LEU D 15 -13.70 -2.11 5.65
N THR D 16 -12.73 -2.42 4.78
CA THR D 16 -11.44 -2.94 5.18
C THR D 16 -10.34 -1.95 4.85
N TYR D 17 -9.30 -1.94 5.67
CA TYR D 17 -8.09 -1.17 5.36
C TYR D 17 -6.84 -2.00 5.56
N ARG D 18 -5.79 -1.60 4.86
CA ARG D 18 -4.50 -2.24 4.95
C ARG D 18 -3.40 -1.19 5.05
N ILE D 19 -2.52 -1.36 6.03
CA ILE D 19 -1.34 -0.52 6.16
C ILE D 19 -0.24 -1.22 5.38
N VAL D 20 0.00 -0.74 4.16
CA VAL D 20 0.90 -1.40 3.22
C VAL D 20 2.36 -1.27 3.66
N ASN D 21 2.72 -0.11 4.22
CA ASN D 21 4.08 0.14 4.67
C ASN D 21 4.08 1.22 5.74
N TYR D 22 5.26 1.52 6.27
CA TYR D 22 5.37 2.31 7.48
C TYR D 22 6.44 3.40 7.38
N THR D 23 6.12 4.55 7.96
CA THR D 23 7.05 5.66 8.08
C THR D 23 8.21 5.33 9.03
N PRO D 24 9.41 5.84 8.73
CA PRO D 24 10.53 5.67 9.66
C PRO D 24 10.37 6.43 10.98
N ASP D 25 9.52 7.46 11.01
CA ASP D 25 9.48 8.42 12.13
C ASP D 25 8.81 7.88 13.38
N MET D 26 7.93 6.88 13.22
CA MET D 26 7.15 6.33 14.32
C MET D 26 7.28 4.80 14.35
N THR D 27 7.00 4.21 15.51
CA THR D 27 7.02 2.74 15.64
C THR D 27 5.81 2.17 14.92
N HIS D 28 5.85 0.89 14.57
CA HIS D 28 4.70 0.24 13.96
C HIS D 28 3.45 0.43 14.83
N SER D 29 3.63 0.25 16.15
CA SER D 29 2.54 0.37 17.12
C SER D 29 1.89 1.76 17.14
N GLU D 30 2.71 2.80 17.17
CA GLU D 30 2.24 4.20 17.12
C GLU D 30 1.43 4.50 15.86
N VAL D 31 1.95 4.07 14.72
CA VAL D 31 1.29 4.26 13.43
C VAL D 31 -0.06 3.55 13.39
N GLU D 32 -0.06 2.29 13.81
CA GLU D 32 -1.27 1.47 13.85
C GLU D 32 -2.34 2.09 14.75
N LYS D 33 -1.91 2.63 15.89
CA LYS D 33 -2.80 3.26 16.85
C LYS D 33 -3.36 4.55 16.28
N ALA D 34 -2.51 5.34 15.62
CA ALA D 34 -2.92 6.56 14.96
C ALA D 34 -4.05 6.27 13.98
N PHE D 35 -3.83 5.35 13.04
CA PHE D 35 -4.83 5.05 12.02
C PHE D 35 -6.10 4.47 12.64
N LYS D 36 -5.95 3.60 13.66
CA LYS D 36 -7.08 2.98 14.33
C LYS D 36 -7.99 4.05 14.91
N LYS D 37 -7.36 5.01 15.60
CA LYS D 37 -8.07 6.12 16.22
C LYS D 37 -8.74 6.99 15.18
N ALA D 38 -8.03 7.25 14.07
CA ALA D 38 -8.57 8.06 12.98
C ALA D 38 -9.84 7.45 12.39
N PHE D 39 -9.82 6.14 12.16
CA PHE D 39 -11.02 5.43 11.68
C PHE D 39 -12.16 5.51 12.73
N LYS D 40 -11.80 5.45 14.01
CA LYS D 40 -12.77 5.53 15.12
C LYS D 40 -13.56 6.85 15.15
N VAL D 41 -12.90 7.94 14.75
CA VAL D 41 -13.57 9.24 14.61
C VAL D 41 -14.86 9.17 13.79
N TRP D 42 -14.81 8.39 12.70
CA TRP D 42 -15.91 8.29 11.74
C TRP D 42 -16.86 7.16 12.10
N SER D 43 -16.30 6.04 12.56
CA SER D 43 -17.14 4.90 12.98
C SER D 43 -17.96 5.22 14.25
N ASP D 44 -17.46 6.14 15.08
CA ASP D 44 -18.17 6.56 16.30
C ASP D 44 -19.50 7.28 16.01
N VAL D 45 -19.63 7.91 14.85
CA VAL D 45 -20.81 8.76 14.55
C VAL D 45 -21.61 8.33 13.32
N THR D 46 -21.33 7.13 12.82
CA THR D 46 -22.03 6.57 11.67
C THR D 46 -22.18 5.05 11.88
N PRO D 47 -22.87 4.36 10.95
CA PRO D 47 -22.89 2.88 10.98
C PRO D 47 -21.68 2.20 10.34
N LEU D 48 -20.70 2.98 9.90
CA LEU D 48 -19.50 2.45 9.25
C LEU D 48 -18.66 1.66 10.25
N ASN D 49 -18.16 0.51 9.81
CA ASN D 49 -17.19 -0.29 10.58
C ASN D 49 -15.94 -0.53 9.72
N PHE D 50 -14.79 -0.63 10.38
CA PHE D 50 -13.50 -0.73 9.69
C PHE D 50 -12.68 -1.88 10.27
N THR D 51 -12.23 -2.77 9.39
CA THR D 51 -11.43 -3.93 9.80
C THR D 51 -10.08 -3.93 9.08
N ARG D 52 -9.05 -4.32 9.82
CA ARG D 52 -7.69 -4.28 9.31
C ARG D 52 -7.38 -5.58 8.60
N LEU D 53 -6.93 -5.50 7.35
CA LEU D 53 -6.37 -6.65 6.63
C LEU D 53 -4.84 -6.50 6.57
N HIS D 54 -4.12 -7.60 6.78
CA HIS D 54 -2.66 -7.60 6.74
C HIS D 54 -2.08 -7.89 5.35
N ASP D 55 -2.88 -8.51 4.48
CA ASP D 55 -2.42 -8.84 3.14
C ASP D 55 -3.54 -8.80 2.12
N GLY D 56 -3.17 -8.70 0.85
CA GLY D 56 -4.12 -8.65 -0.24
C GLY D 56 -4.78 -7.29 -0.37
N ILE D 57 -5.80 -7.25 -1.23
CA ILE D 57 -6.52 -6.01 -1.48
C ILE D 57 -7.50 -5.71 -0.35
N ALA D 58 -7.48 -4.46 0.08
CA ALA D 58 -8.43 -3.91 1.04
C ALA D 58 -9.12 -2.72 0.36
N ASP D 59 -10.24 -2.24 0.91
CA ASP D 59 -10.92 -1.08 0.30
C ASP D 59 -10.02 0.14 0.39
N ILE D 60 -9.55 0.44 1.60
CA ILE D 60 -8.73 1.61 1.86
C ILE D 60 -7.27 1.17 2.05
N MET D 61 -6.46 1.35 1.02
CA MET D 61 -5.06 0.98 1.08
C MET D 61 -4.32 2.20 1.56
N ILE D 62 -3.51 2.02 2.61
CA ILE D 62 -2.79 3.12 3.22
C ILE D 62 -1.30 2.91 2.94
N SER D 63 -0.61 3.95 2.49
CA SER D 63 0.84 3.86 2.29
C SER D 63 1.57 5.21 2.42
N PHE D 64 2.88 5.10 2.65
CA PHE D 64 3.78 6.23 2.80
C PHE D 64 4.70 6.20 1.59
N GLY D 65 4.83 7.34 0.91
CA GLY D 65 5.66 7.43 -0.29
C GLY D 65 6.18 8.85 -0.43
N ILE D 66 7.13 9.05 -1.34
CA ILE D 66 7.70 10.38 -1.58
C ILE D 66 7.69 10.69 -3.07
N LYS D 67 7.78 11.97 -3.42
CA LYS D 67 7.75 12.42 -4.82
C LYS D 67 6.72 11.63 -5.68
N GLU D 68 7.12 11.12 -6.85
CA GLU D 68 6.23 10.33 -7.68
C GLU D 68 6.19 8.91 -7.13
N HIS D 69 4.99 8.48 -6.72
CA HIS D 69 4.83 7.23 -5.98
C HIS D 69 3.75 6.29 -6.58
N GLY D 70 3.35 6.56 -7.82
CA GLY D 70 2.63 5.56 -8.61
C GLY D 70 1.24 5.92 -9.06
N ASP D 71 0.80 7.13 -8.75
CA ASP D 71 -0.52 7.63 -9.20
C ASP D 71 -0.45 8.92 -10.04
N PHE D 72 0.76 9.43 -10.29
CA PHE D 72 0.97 10.70 -11.02
C PHE D 72 0.44 11.95 -10.29
N TYR D 73 0.19 11.82 -8.99
CA TYR D 73 -0.03 12.96 -8.12
C TYR D 73 1.18 13.00 -7.20
N PRO D 74 2.31 13.50 -7.70
CA PRO D 74 3.52 13.40 -6.89
C PRO D 74 3.46 14.22 -5.61
N PHE D 75 4.18 13.76 -4.59
CA PHE D 75 4.42 14.57 -3.40
C PHE D 75 5.61 15.50 -3.68
N ASP D 76 5.89 16.41 -2.75
CA ASP D 76 6.68 17.60 -3.06
C ASP D 76 7.84 17.85 -2.10
N GLY D 77 8.31 16.81 -1.41
CA GLY D 77 9.35 16.98 -0.38
C GLY D 77 8.77 17.61 0.89
N PRO D 78 9.65 18.01 1.82
CA PRO D 78 9.20 18.62 3.09
C PRO D 78 8.16 19.76 2.88
N SER D 79 7.17 19.82 3.77
CA SER D 79 6.08 20.83 3.71
C SER D 79 5.14 20.71 2.50
N GLY D 80 4.28 21.71 2.30
CA GLY D 80 3.36 21.72 1.16
C GLY D 80 2.30 20.64 1.29
N LEU D 81 2.20 19.79 0.27
CA LEU D 81 1.36 18.59 0.34
C LEU D 81 1.80 17.69 1.47
N LEU D 82 0.87 17.31 2.33
CA LEU D 82 1.15 16.38 3.42
C LEU D 82 0.67 14.97 3.08
N ALA D 83 -0.45 14.88 2.37
CA ALA D 83 -1.14 13.62 2.17
C ALA D 83 -2.31 13.85 1.24
N HIS D 84 -2.74 12.81 0.54
CA HIS D 84 -3.99 12.85 -0.24
C HIS D 84 -4.68 11.49 -0.19
N ALA D 85 -5.97 11.50 -0.48
CA ALA D 85 -6.76 10.30 -0.48
C ALA D 85 -7.88 10.39 -1.53
N PHE D 86 -8.22 9.26 -2.12
CA PHE D 86 -9.17 9.24 -3.22
C PHE D 86 -10.58 9.03 -2.69
N PRO D 87 -11.60 9.62 -3.34
CA PRO D 87 -12.98 9.35 -2.88
C PRO D 87 -13.40 7.88 -3.14
N PRO D 88 -14.54 7.45 -2.56
CA PRO D 88 -14.98 6.05 -2.63
C PRO D 88 -15.06 5.48 -4.04
N GLY D 89 -14.79 4.18 -4.17
CA GLY D 89 -14.80 3.52 -5.45
C GLY D 89 -13.75 2.42 -5.48
N PRO D 90 -13.70 1.67 -6.59
CA PRO D 90 -12.76 0.56 -6.69
C PRO D 90 -11.33 1.03 -6.88
N ASN D 91 -10.39 0.10 -6.74
CA ASN D 91 -8.98 0.37 -7.01
C ASN D 91 -8.44 1.49 -6.12
N TYR D 92 -7.88 2.54 -6.70
CA TYR D 92 -7.33 3.65 -5.93
C TYR D 92 -8.36 4.36 -5.03
N GLY D 93 -9.63 4.22 -5.36
CA GLY D 93 -10.70 4.79 -4.54
C GLY D 93 -10.60 4.42 -3.08
N GLY D 94 -10.68 5.41 -2.21
CA GLY D 94 -10.54 5.20 -0.78
C GLY D 94 -9.12 5.25 -0.28
N ASP D 95 -8.14 4.95 -1.15
CA ASP D 95 -6.77 4.77 -0.70
C ASP D 95 -6.25 6.11 -0.20
N ALA D 96 -5.28 6.06 0.69
CA ALA D 96 -4.75 7.25 1.34
C ALA D 96 -3.23 7.19 1.33
N HIS D 97 -2.60 8.25 0.81
CA HIS D 97 -1.14 8.33 0.74
C HIS D 97 -0.60 9.45 1.62
N PHE D 98 0.50 9.16 2.29
CA PHE D 98 1.14 10.10 3.19
C PHE D 98 2.54 10.39 2.69
N ASP D 99 2.90 11.66 2.70
CA ASP D 99 4.17 12.10 2.16
C ASP D 99 5.23 11.85 3.19
N ASP D 100 6.08 10.87 2.92
CA ASP D 100 7.10 10.48 3.87
C ASP D 100 8.36 11.31 3.81
N ASP D 101 8.26 12.52 3.27
CA ASP D 101 9.28 13.54 3.49
C ASP D 101 8.83 14.50 4.58
N GLU D 102 7.62 14.32 5.11
CA GLU D 102 7.19 15.05 6.30
C GLU D 102 7.70 14.31 7.52
N THR D 103 7.77 15.02 8.64
CA THR D 103 8.05 14.39 9.91
C THR D 103 6.71 14.07 10.60
N TRP D 104 6.41 12.78 10.70
CA TRP D 104 5.17 12.29 11.30
C TRP D 104 5.43 11.98 12.77
N THR D 105 4.45 12.28 13.62
N THR D 105 4.44 12.29 13.62
CA THR D 105 4.58 12.08 15.06
CA THR D 105 4.57 12.13 15.07
C THR D 105 3.27 11.65 15.73
C THR D 105 3.28 11.67 15.73
N SER D 106 3.41 11.11 16.94
CA SER D 106 2.26 10.78 17.79
C SER D 106 1.85 12.00 18.62
N SER D 107 2.74 13.00 18.68
CA SER D 107 2.53 14.22 19.47
C SER D 107 2.48 15.47 18.58
N SER D 108 3.33 16.46 18.86
CA SER D 108 3.30 17.77 18.16
C SER D 108 4.59 18.14 17.42
N LYS D 109 5.69 17.42 17.65
CA LYS D 109 6.95 17.75 17.00
C LYS D 109 6.97 17.16 15.58
N GLY D 110 6.24 17.84 14.69
CA GLY D 110 6.02 17.37 13.32
C GLY D 110 4.56 17.56 12.97
N TYR D 111 4.06 16.73 12.07
CA TYR D 111 2.62 16.67 11.80
C TYR D 111 2.03 15.45 12.48
N ASN D 112 1.04 15.68 13.34
CA ASN D 112 0.30 14.60 14.00
C ASN D 112 -0.37 13.69 12.97
N LEU D 113 0.09 12.45 12.88
CA LEU D 113 -0.41 11.49 11.90
C LEU D 113 -1.89 11.25 12.09
N PHE D 114 -2.31 11.08 13.36
CA PHE D 114 -3.72 10.85 13.67
C PHE D 114 -4.65 11.93 13.10
N LEU D 115 -4.30 13.19 13.31
CA LEU D 115 -5.11 14.30 12.82
C LEU D 115 -5.16 14.34 11.29
N VAL D 116 -4.00 14.26 10.64
CA VAL D 116 -3.96 14.24 9.17
C VAL D 116 -4.71 13.02 8.62
N ALA D 117 -4.49 11.85 9.23
CA ALA D 117 -5.16 10.62 8.81
C ALA D 117 -6.67 10.73 8.94
N ALA D 118 -7.13 11.31 10.04
CA ALA D 118 -8.57 11.46 10.28
C ALA D 118 -9.19 12.32 9.18
N HIS D 119 -8.48 13.39 8.81
CA HIS D 119 -8.86 14.24 7.69
C HIS D 119 -8.91 13.46 6.37
N GLU D 120 -7.84 12.72 6.07
CA GLU D 120 -7.75 11.95 4.83
C GLU D 120 -8.85 10.90 4.71
N PHE D 121 -9.16 10.21 5.81
CA PHE D 121 -10.17 9.17 5.78
C PHE D 121 -11.54 9.81 5.54
N GLY D 122 -11.69 11.05 5.96
CA GLY D 122 -12.85 11.84 5.58
C GLY D 122 -13.00 11.88 4.06
N HIS D 123 -11.88 12.07 3.36
CA HIS D 123 -11.88 12.04 1.90
C HIS D 123 -12.20 10.64 1.39
N SER D 124 -11.56 9.63 1.99
CA SER D 124 -11.79 8.22 1.62
C SER D 124 -13.30 7.85 1.68
N LEU D 125 -14.03 8.53 2.56
CA LEU D 125 -15.44 8.23 2.81
C LEU D 125 -16.38 9.07 1.96
N GLY D 126 -15.86 10.11 1.32
CA GLY D 126 -16.64 10.95 0.41
C GLY D 126 -16.79 12.40 0.80
N LEU D 127 -16.14 12.83 1.87
CA LEU D 127 -16.19 14.24 2.27
C LEU D 127 -15.21 15.13 1.49
N ASP D 128 -15.72 16.26 1.01
CA ASP D 128 -14.92 17.33 0.43
C ASP D 128 -14.42 18.23 1.55
N HIS D 129 -13.57 19.20 1.21
CA HIS D 129 -13.11 20.20 2.16
C HIS D 129 -14.25 21.09 2.65
N SER D 130 -14.08 21.57 3.88
CA SER D 130 -15.05 22.44 4.52
C SER D 130 -14.52 23.87 4.53
N LYS D 131 -15.42 24.85 4.51
CA LYS D 131 -15.03 26.26 4.55
C LYS D 131 -14.96 26.77 5.99
N ASP D 132 -15.46 25.95 6.92
CA ASP D 132 -15.46 26.24 8.35
C ASP D 132 -14.06 25.99 8.93
N PRO D 133 -13.37 27.06 9.39
CA PRO D 133 -11.99 26.91 9.89
C PRO D 133 -11.84 26.02 11.14
N GLY D 134 -12.95 25.70 11.79
CA GLY D 134 -12.95 24.77 12.93
C GLY D 134 -13.16 23.31 12.55
N ALA D 135 -13.52 23.05 11.30
CA ALA D 135 -13.84 21.69 10.85
C ALA D 135 -12.58 20.86 10.66
N LEU D 136 -12.67 19.55 10.91
CA LEU D 136 -11.56 18.61 10.64
C LEU D 136 -11.23 18.58 9.15
N MET D 137 -12.27 18.76 8.31
CA MET D 137 -12.10 18.80 6.85
C MET D 137 -11.65 20.16 6.31
N PHE D 138 -11.36 21.11 7.20
CA PHE D 138 -10.70 22.35 6.79
C PHE D 138 -9.26 21.99 6.36
N PRO D 139 -8.77 22.53 5.22
CA PRO D 139 -7.47 22.10 4.70
C PRO D 139 -6.21 22.81 5.24
N ILE D 140 -6.27 23.31 6.48
CA ILE D 140 -5.06 23.80 7.16
C ILE D 140 -4.78 22.96 8.40
N TYR D 141 -3.57 22.44 8.52
CA TYR D 141 -3.21 21.66 9.71
C TYR D 141 -3.12 22.57 10.96
N THR D 142 -3.70 22.12 12.07
CA THR D 142 -3.51 22.74 13.39
C THR D 142 -3.61 21.67 14.49
N TYR D 143 -2.94 21.91 15.60
CA TYR D 143 -2.77 20.90 16.66
C TYR D 143 -3.63 21.28 17.83
N THR D 144 -4.61 20.45 18.12
CA THR D 144 -5.89 20.88 18.69
C THR D 144 -6.18 20.33 20.09
N SER D 147 -5.67 16.42 24.75
CA SER D 147 -5.62 15.02 25.14
C SER D 147 -6.75 14.20 24.50
N HIS D 148 -7.88 14.84 24.21
CA HIS D 148 -9.08 14.19 23.62
C HIS D 148 -9.54 14.91 22.35
N PHE D 149 -10.03 14.15 21.36
CA PHE D 149 -10.52 14.72 20.11
C PHE D 149 -12.05 14.62 20.00
N MET D 150 -12.70 15.75 19.73
CA MET D 150 -14.13 15.78 19.44
C MET D 150 -14.31 16.20 17.97
N LEU D 151 -15.03 15.38 17.20
CA LEU D 151 -15.32 15.72 15.82
C LEU D 151 -16.25 16.94 15.76
N PRO D 152 -15.81 18.02 15.09
CA PRO D 152 -16.65 19.22 15.02
C PRO D 152 -18.00 18.98 14.32
N ASP D 153 -18.99 19.81 14.64
CA ASP D 153 -20.36 19.66 14.11
C ASP D 153 -20.41 19.61 12.59
N ASP D 154 -19.56 20.39 11.92
CA ASP D 154 -19.62 20.46 10.47
C ASP D 154 -19.25 19.12 9.82
N ASP D 155 -18.26 18.44 10.38
CA ASP D 155 -17.87 17.10 9.90
C ASP D 155 -18.91 16.06 10.27
N VAL D 156 -19.44 16.15 11.49
CA VAL D 156 -20.51 15.25 11.97
C VAL D 156 -21.71 15.34 11.03
N GLN D 157 -22.04 16.57 10.62
CA GLN D 157 -23.16 16.81 9.72
C GLN D 157 -22.87 16.23 8.34
N GLY D 158 -21.69 16.55 7.83
CA GLY D 158 -21.23 16.00 6.55
C GLY D 158 -21.29 14.49 6.42
N ILE D 159 -20.70 13.76 7.39
CA ILE D 159 -20.63 12.30 7.30
C ILE D 159 -22.00 11.64 7.50
N GLN D 160 -22.81 12.16 8.41
CA GLN D 160 -24.14 11.60 8.66
C GLN D 160 -25.11 11.86 7.52
N SER D 161 -24.88 12.93 6.78
CA SER D 161 -25.62 13.18 5.53
C SER D 161 -25.35 12.09 4.49
N LEU D 162 -24.16 11.50 4.49
CA LEU D 162 -23.82 10.41 3.56
C LEU D 162 -24.21 9.03 4.08
N TYR D 163 -23.99 8.80 5.37
CA TYR D 163 -24.08 7.45 5.93
C TYR D 163 -25.16 7.25 7.01
N GLY D 164 -25.77 8.34 7.46
CA GLY D 164 -26.72 8.29 8.57
C GLY D 164 -25.98 8.23 9.91
#